data_5KR6
#
_entry.id   5KR6
#
_cell.length_a   61.088
_cell.length_b   123.240
_cell.length_c   63.251
_cell.angle_alpha   90.00
_cell.angle_beta   117.61
_cell.angle_gamma   90.00
#
_symmetry.space_group_name_H-M   'P 1 21 1'
#
loop_
_entity.id
_entity.type
_entity.pdbx_description
1 polymer '4-aminobutyrate transaminase'
2 non-polymer "PYRIDOXAL-5'-PHOSPHATE"
3 water water
#
_entity_poly.entity_id   1
_entity_poly.type   'polypeptide(L)'
_entity_poly.pdbx_seq_one_letter_code
;MGSSHHHHHHSSGLVPRGSHMTDTDDLLEMDRAHFFHPSTHLRDHASGELPGRIITGGKGIRIQDSEGREYIDAFAGLYC
VNVGYGRTEIADAIYEQAKELAYYHTYVGHSNEPIIELSERIIREWAPAGMSKVYYGMSGSDANETQIKLVWYYNNVLGR
PQKKKIISRQRGYHGSGIMTGSLTGLPAFHNHFDLPLEPIRHTTCPHYYRAPAGMSEAEFSRHCADELEKMILAEGPDTV
AAFIGEPVMGTGGIVPPPEGYWEAIQAVLNKYDILLIADEVVCGFGRTGSMFGSHHYGMKPDLITVAKGLTSAYAPLSGV
IVGEKVWKVLEQGSDQYGPIGHGWTYSGHPICAAAALANLDIIERENLTGNAADTGAYFQQRMRETFGDHPLVGEVRGVG
LMAALEFVADKDKRTRFDPSLKVGPRVSAACLEDGMIARAMPHGDILGFAPPLVITRAEVDEIVDIAKQAVDAVADELV
;
_entity_poly.pdbx_strand_id   A,B
#
loop_
_chem_comp.id
_chem_comp.type
_chem_comp.name
_chem_comp.formula
PLP non-polymer PYRIDOXAL-5'-PHOSPHATE 'C8 H10 N O6 P'
#
# COMPACT_ATOMS: atom_id res chain seq x y z
N THR A 22 -10.70 -8.85 -33.30
CA THR A 22 -10.75 -9.87 -32.19
C THR A 22 -11.02 -9.20 -30.83
N ASP A 23 -11.59 -9.94 -29.89
CA ASP A 23 -11.75 -9.48 -28.49
C ASP A 23 -10.47 -8.96 -27.82
N THR A 24 -9.35 -9.66 -28.04
CA THR A 24 -8.04 -9.18 -27.60
C THR A 24 -7.69 -7.77 -28.17
N ASP A 25 -7.92 -7.55 -29.47
CA ASP A 25 -7.67 -6.24 -30.08
C ASP A 25 -8.50 -5.14 -29.45
N ASP A 26 -9.76 -5.39 -29.15
CA ASP A 26 -10.62 -4.39 -28.51
C ASP A 26 -10.11 -4.03 -27.08
N LEU A 27 -9.81 -5.07 -26.31
CA LEU A 27 -9.28 -4.87 -24.94
C LEU A 27 -7.93 -4.17 -24.98
N LEU A 28 -7.05 -4.58 -25.88
CA LEU A 28 -5.73 -3.93 -25.98
C LEU A 28 -5.89 -2.46 -26.28
N GLU A 29 -6.88 -2.14 -27.09
CA GLU A 29 -7.17 -0.75 -27.40
C GLU A 29 -7.59 0.03 -26.17
N MET A 30 -8.55 -0.50 -25.42
CA MET A 30 -8.99 0.17 -24.19
C MET A 30 -7.83 0.31 -23.18
N ASP A 31 -6.99 -0.72 -23.13
CA ASP A 31 -5.82 -0.74 -22.28
C ASP A 31 -4.89 0.45 -22.59
N ARG A 32 -4.43 0.53 -23.81
CA ARG A 32 -3.59 1.64 -24.29
C ARG A 32 -4.20 3.03 -24.00
N ALA A 33 -5.52 3.16 -24.13
CA ALA A 33 -6.15 4.48 -23.95
C ALA A 33 -6.33 4.90 -22.49
N HIS A 34 -6.37 3.96 -21.56
CA HIS A 34 -6.79 4.29 -20.18
C HIS A 34 -6.00 3.73 -18.99
N PHE A 35 -5.16 2.72 -19.23
CA PHE A 35 -4.49 2.02 -18.15
C PHE A 35 -3.01 2.43 -18.11
N PHE A 36 -2.60 3.03 -16.98
CA PHE A 36 -1.23 3.37 -16.68
C PHE A 36 -0.59 2.15 -15.96
N HIS A 37 0.20 1.38 -16.69
CA HIS A 37 0.90 0.21 -16.14
C HIS A 37 2.08 0.57 -15.25
N PRO A 38 2.34 -0.23 -14.23
CA PRO A 38 3.63 -0.14 -13.60
C PRO A 38 4.76 -0.53 -14.57
N SER A 39 5.91 0.09 -14.38
CA SER A 39 7.14 -0.36 -15.00
C SER A 39 7.01 -0.65 -16.48
N THR A 40 6.53 0.34 -17.21
CA THR A 40 6.25 0.23 -18.63
C THR A 40 6.70 1.53 -19.29
N HIS A 41 7.17 1.41 -20.54
CA HIS A 41 7.48 2.56 -21.41
C HIS A 41 6.14 3.22 -21.77
N LEU A 42 5.84 4.36 -21.14
CA LEU A 42 4.49 4.87 -21.19
C LEU A 42 4.07 5.32 -22.59
N ARG A 43 4.97 5.97 -23.34
CA ARG A 43 4.63 6.46 -24.67
C ARG A 43 4.44 5.30 -25.63
N ASP A 44 5.40 4.39 -25.63
CA ASP A 44 5.40 3.23 -26.52
C ASP A 44 4.28 2.26 -26.20
N HIS A 45 3.87 2.18 -24.95
CA HIS A 45 2.70 1.37 -24.65
C HIS A 45 1.47 2.01 -25.25
N ALA A 46 1.27 3.29 -24.96
CA ALA A 46 0.06 4.01 -25.37
C ALA A 46 -0.11 4.05 -26.89
N SER A 47 0.99 4.17 -27.60
CA SER A 47 0.99 4.29 -29.04
C SER A 47 0.80 2.93 -29.72
N GLY A 48 1.05 1.85 -29.00
CA GLY A 48 0.98 0.51 -29.55
C GLY A 48 2.31 0.03 -30.11
N GLU A 49 3.36 0.80 -29.89
CA GLU A 49 4.70 0.42 -30.33
C GLU A 49 5.22 -0.82 -29.57
N LEU A 50 4.96 -0.89 -28.26
CA LEU A 50 5.27 -2.10 -27.46
C LEU A 50 3.97 -2.82 -27.21
N PRO A 51 3.76 -3.96 -27.88
CA PRO A 51 2.44 -4.56 -27.78
C PRO A 51 2.20 -5.09 -26.39
N GLY A 52 0.94 -5.09 -25.98
CA GLY A 52 0.55 -5.58 -24.68
C GLY A 52 0.28 -7.05 -24.73
N ARG A 53 0.08 -7.64 -23.55
CA ARG A 53 -0.31 -9.03 -23.42
C ARG A 53 -1.30 -9.16 -22.28
N ILE A 54 -2.42 -9.78 -22.57
CA ILE A 54 -3.44 -10.06 -21.56
C ILE A 54 -3.38 -11.50 -21.10
N ILE A 55 -3.14 -11.68 -19.80
CA ILE A 55 -3.10 -13.01 -19.21
C ILE A 55 -4.51 -13.30 -18.66
N THR A 56 -5.04 -14.48 -18.99
CA THR A 56 -6.44 -14.83 -18.68
C THR A 56 -6.60 -16.00 -17.77
N GLY A 57 -5.62 -16.89 -17.71
CA GLY A 57 -5.79 -18.10 -16.92
C GLY A 57 -4.51 -18.80 -16.60
N GLY A 58 -4.62 -19.88 -15.86
CA GLY A 58 -3.43 -20.62 -15.47
C GLY A 58 -3.64 -21.74 -14.49
N LYS A 59 -2.69 -22.66 -14.50
CA LYS A 59 -2.78 -23.86 -13.66
C LYS A 59 -1.35 -24.34 -13.36
N GLY A 60 -1.04 -24.51 -12.07
CA GLY A 60 0.29 -25.04 -11.69
C GLY A 60 1.35 -24.02 -12.08
N ILE A 61 2.28 -24.38 -12.95
CA ILE A 61 3.33 -23.45 -13.37
C ILE A 61 3.07 -22.84 -14.75
N ARG A 62 1.89 -23.09 -15.33
CA ARG A 62 1.60 -22.61 -16.66
C ARG A 62 0.54 -21.52 -16.66
N ILE A 63 0.75 -20.48 -17.47
CA ILE A 63 -0.28 -19.48 -17.70
C ILE A 63 -0.68 -19.47 -19.16
N GLN A 64 -1.78 -18.79 -19.47
CA GLN A 64 -2.34 -18.65 -20.80
C GLN A 64 -2.75 -17.22 -21.10
N ASP A 65 -2.40 -16.71 -22.26
CA ASP A 65 -2.91 -15.40 -22.69
C ASP A 65 -4.29 -15.46 -23.36
N SER A 66 -4.85 -14.29 -23.65
CA SER A 66 -6.20 -14.16 -24.21
C SER A 66 -6.31 -14.73 -25.64
N GLU A 67 -5.18 -14.90 -26.32
CA GLU A 67 -5.20 -15.55 -27.63
C GLU A 67 -5.03 -17.06 -27.52
N GLY A 68 -4.94 -17.59 -26.30
CA GLY A 68 -4.85 -19.03 -26.09
C GLY A 68 -3.43 -19.58 -25.98
N ARG A 69 -2.42 -18.74 -26.21
CA ARG A 69 -1.04 -19.14 -26.08
C ARG A 69 -0.69 -19.55 -24.65
N GLU A 70 0.11 -20.59 -24.51
CA GLU A 70 0.48 -21.11 -23.22
C GLU A 70 1.95 -20.85 -22.91
N TYR A 71 2.28 -20.64 -21.66
CA TYR A 71 3.64 -20.30 -21.22
C TYR A 71 3.97 -21.00 -19.93
N ILE A 72 5.17 -21.50 -19.82
CA ILE A 72 5.71 -21.92 -18.52
C ILE A 72 6.18 -20.65 -17.78
N ASP A 73 5.62 -20.37 -16.61
CA ASP A 73 6.02 -19.18 -15.84
C ASP A 73 7.11 -19.51 -14.81
N ALA A 74 8.34 -19.40 -15.25
CA ALA A 74 9.47 -19.74 -14.37
C ALA A 74 9.82 -18.57 -13.47
N PHE A 75 9.00 -17.51 -13.46
CA PHE A 75 9.15 -16.40 -12.53
C PHE A 75 8.02 -16.25 -11.50
N ALA A 76 7.06 -17.16 -11.54
CA ALA A 76 5.93 -17.22 -10.60
C ALA A 76 5.28 -15.86 -10.44
N GLY A 77 4.97 -15.25 -11.56
CA GLY A 77 4.47 -13.88 -11.59
C GLY A 77 5.65 -12.97 -11.34
N LEU A 78 5.77 -12.50 -10.11
CA LEU A 78 6.96 -11.80 -9.62
C LEU A 78 7.38 -12.43 -8.30
N TYR A 79 8.12 -13.55 -8.36
CA TYR A 79 8.51 -14.31 -7.14
C TYR A 79 7.36 -14.51 -6.15
N CYS A 80 6.13 -14.68 -6.63
CA CYS A 80 5.03 -14.59 -5.71
C CYS A 80 3.96 -15.66 -5.80
N VAL A 81 3.76 -16.32 -6.96
CA VAL A 81 2.70 -17.33 -7.10
C VAL A 81 3.21 -18.68 -6.68
N ASN A 82 3.53 -18.75 -5.42
CA ASN A 82 4.37 -19.82 -4.90
C ASN A 82 3.67 -21.20 -4.85
N VAL A 83 2.38 -21.24 -4.55
CA VAL A 83 1.62 -22.50 -4.60
C VAL A 83 1.15 -22.89 -6.04
N GLY A 84 1.50 -22.06 -7.01
CA GLY A 84 1.07 -22.23 -8.39
C GLY A 84 -0.27 -21.60 -8.66
N TYR A 85 -0.62 -21.56 -9.94
CA TYR A 85 -1.86 -20.93 -10.42
C TYR A 85 -3.05 -21.87 -10.32
N GLY A 86 -4.25 -21.30 -10.24
CA GLY A 86 -5.50 -22.08 -10.31
C GLY A 86 -5.82 -22.88 -9.07
N ARG A 87 -5.40 -22.41 -7.89
CA ARG A 87 -5.84 -23.02 -6.64
C ARG A 87 -7.31 -22.68 -6.30
N THR A 88 -8.24 -23.56 -6.69
CA THR A 88 -9.64 -23.33 -6.34
C THR A 88 -9.86 -23.39 -4.82
N GLU A 89 -9.00 -24.11 -4.08
CA GLU A 89 -9.02 -24.13 -2.63
C GLU A 89 -8.93 -22.69 -2.07
N ILE A 90 -8.01 -21.89 -2.65
CA ILE A 90 -7.84 -20.51 -2.20
C ILE A 90 -9.00 -19.64 -2.68
N ALA A 91 -9.45 -19.84 -3.92
CA ALA A 91 -10.58 -19.08 -4.40
C ALA A 91 -11.80 -19.35 -3.51
N ASP A 92 -12.01 -20.60 -3.10
CA ASP A 92 -13.11 -20.96 -2.19
C ASP A 92 -13.02 -20.25 -0.83
N ALA A 93 -11.82 -20.20 -0.26
CA ALA A 93 -11.61 -19.53 1.01
C ALA A 93 -11.85 -17.98 0.97
N ILE A 94 -11.36 -17.34 -0.08
CA ILE A 94 -11.67 -15.93 -0.35
C ILE A 94 -13.18 -15.72 -0.46
N TYR A 95 -13.83 -16.59 -1.22
CA TYR A 95 -15.27 -16.52 -1.43
C TYR A 95 -16.07 -16.65 -0.13
N GLU A 96 -15.72 -17.62 0.69
CA GLU A 96 -16.40 -17.81 1.99
C GLU A 96 -16.23 -16.61 2.88
N GLN A 97 -15.02 -16.05 2.96
CA GLN A 97 -14.84 -14.85 3.78
C GLN A 97 -15.62 -13.67 3.18
N ALA A 98 -15.57 -13.51 1.87
CA ALA A 98 -16.21 -12.39 1.23
C ALA A 98 -17.73 -12.39 1.43
N LYS A 99 -18.32 -13.58 1.48
CA LYS A 99 -19.75 -13.76 1.76
C LYS A 99 -20.11 -13.47 3.20
N GLU A 100 -19.27 -13.93 4.12
CA GLU A 100 -19.50 -13.73 5.55
C GLU A 100 -19.22 -12.26 6.01
N LEU A 101 -18.03 -11.76 5.74
CA LEU A 101 -17.66 -10.36 6.02
C LEU A 101 -16.46 -9.98 5.18
N ALA A 102 -16.70 -9.27 4.09
CA ALA A 102 -15.61 -8.86 3.22
C ALA A 102 -14.67 -7.91 3.95
N TYR A 103 -15.22 -6.99 4.73
CA TYR A 103 -14.38 -6.01 5.44
C TYR A 103 -14.99 -5.44 6.72
N TYR A 104 -14.12 -5.25 7.70
CA TYR A 104 -14.31 -4.26 8.74
C TYR A 104 -12.93 -3.73 9.09
N HIS A 105 -12.84 -2.57 9.70
CA HIS A 105 -11.50 -2.09 10.12
C HIS A 105 -11.01 -2.86 11.34
N THR A 106 -9.72 -2.77 11.59
CA THR A 106 -9.12 -3.33 12.81
C THR A 106 -8.60 -2.26 13.77
N TYR A 107 -9.04 -1.02 13.57
CA TYR A 107 -8.69 0.11 14.44
C TYR A 107 -9.26 -0.06 15.83
N VAL A 108 -8.62 0.58 16.80
CA VAL A 108 -9.05 0.60 18.20
C VAL A 108 -9.50 -0.80 18.69
N GLY A 109 -8.64 -1.77 18.52
CA GLY A 109 -8.86 -3.11 19.03
C GLY A 109 -9.92 -3.93 18.29
N HIS A 110 -10.51 -3.42 17.20
CA HIS A 110 -11.44 -4.24 16.43
C HIS A 110 -10.71 -5.30 15.64
N SER A 111 -11.38 -6.40 15.35
CA SER A 111 -10.71 -7.54 14.75
C SER A 111 -11.65 -8.39 13.91
N ASN A 112 -11.08 -9.42 13.30
CA ASN A 112 -11.87 -10.40 12.57
C ASN A 112 -11.19 -11.75 12.80
N GLU A 113 -11.93 -12.81 12.57
CA GLU A 113 -11.46 -14.15 12.87
C GLU A 113 -10.20 -14.55 12.07
N PRO A 114 -10.21 -14.35 10.74
CA PRO A 114 -8.99 -14.81 10.00
C PRO A 114 -7.71 -14.06 10.33
N ILE A 115 -7.77 -12.77 10.64
CA ILE A 115 -6.52 -12.07 10.93
C ILE A 115 -5.90 -12.50 12.27
N ILE A 116 -6.76 -12.87 13.22
CA ILE A 116 -6.31 -13.38 14.49
C ILE A 116 -5.65 -14.75 14.32
N GLU A 117 -6.35 -15.68 13.66
CA GLU A 117 -5.79 -16.96 13.30
C GLU A 117 -4.46 -16.83 12.54
N LEU A 118 -4.38 -15.94 11.56
CA LEU A 118 -3.15 -15.80 10.79
C LEU A 118 -1.98 -15.25 11.64
N SER A 119 -2.28 -14.31 12.52
CA SER A 119 -1.24 -13.72 13.35
C SER A 119 -0.64 -14.80 14.24
N GLU A 120 -1.50 -15.62 14.84
CA GLU A 120 -1.02 -16.72 15.69
C GLU A 120 -0.18 -17.70 14.87
N ARG A 121 -0.61 -18.03 13.67
CA ARG A 121 0.15 -18.98 12.83
C ARG A 121 1.52 -18.46 12.34
N ILE A 122 1.54 -17.20 11.94
CA ILE A 122 2.81 -16.59 11.58
C ILE A 122 3.80 -16.65 12.77
N ILE A 123 3.35 -16.20 13.94
CA ILE A 123 4.25 -16.15 15.10
C ILE A 123 4.64 -17.55 15.60
N ARG A 124 3.66 -18.42 15.85
CA ARG A 124 3.95 -19.72 16.45
C ARG A 124 4.63 -20.72 15.50
N GLU A 125 4.31 -20.68 14.20
CA GLU A 125 4.75 -21.72 13.30
C GLU A 125 5.70 -21.32 12.22
N TRP A 126 5.77 -20.03 11.86
CA TRP A 126 6.59 -19.65 10.70
C TRP A 126 7.77 -18.75 11.02
N ALA A 127 7.56 -17.70 11.80
CA ALA A 127 8.58 -16.69 12.05
C ALA A 127 9.69 -17.23 12.94
N PRO A 128 10.90 -16.69 12.81
CA PRO A 128 11.96 -17.06 13.78
C PRO A 128 11.55 -16.82 15.23
N ALA A 129 12.17 -17.57 16.15
CA ALA A 129 11.95 -17.37 17.59
C ALA A 129 12.23 -15.92 18.02
N GLY A 130 11.53 -15.50 19.07
CA GLY A 130 11.61 -14.12 19.59
C GLY A 130 10.79 -13.06 18.83
N MET A 131 9.92 -13.48 17.91
CA MET A 131 9.01 -12.58 17.24
C MET A 131 7.74 -12.58 18.05
N SER A 132 7.06 -11.42 18.02
CA SER A 132 6.00 -11.15 18.97
C SER A 132 4.66 -10.79 18.34
N LYS A 133 4.66 -9.89 17.37
CA LYS A 133 3.39 -9.37 16.82
C LYS A 133 3.50 -9.18 15.32
N VAL A 134 2.35 -9.19 14.66
CA VAL A 134 2.27 -8.90 13.22
C VAL A 134 1.38 -7.69 12.92
N TYR A 135 1.90 -6.74 12.14
CA TYR A 135 1.11 -5.58 11.65
C TYR A 135 0.91 -5.74 10.15
N TYR A 136 -0.29 -5.45 9.65
CA TYR A 136 -0.64 -5.77 8.28
C TYR A 136 -0.89 -4.58 7.37
N GLY A 137 -0.46 -4.76 6.12
CA GLY A 137 -0.76 -3.84 5.03
C GLY A 137 -1.10 -4.66 3.82
N MET A 138 -0.79 -4.14 2.63
CA MET A 138 -1.10 -4.79 1.36
C MET A 138 0.10 -5.00 0.42
N SER A 139 1.20 -4.33 0.68
CA SER A 139 2.36 -4.40 -0.19
C SER A 139 3.66 -4.42 0.61
N GLY A 140 4.68 -5.04 0.01
CA GLY A 140 6.04 -4.99 0.58
C GLY A 140 6.47 -3.55 0.82
N SER A 141 6.05 -2.67 -0.09
CA SER A 141 6.37 -1.25 0.06
C SER A 141 5.74 -0.61 1.28
N ASP A 142 4.46 -0.87 1.52
CA ASP A 142 3.83 -0.29 2.71
C ASP A 142 4.34 -0.94 3.98
N ALA A 143 4.75 -2.21 3.90
CA ALA A 143 5.34 -2.85 5.06
C ALA A 143 6.69 -2.23 5.42
N ASN A 144 7.56 -1.97 4.46
CA ASN A 144 8.84 -1.34 4.73
C ASN A 144 8.69 0.15 5.15
N GLU A 145 7.63 0.78 4.69
CA GLU A 145 7.28 2.13 5.13
C GLU A 145 6.95 2.12 6.62
N THR A 146 6.15 1.14 7.02
CA THR A 146 5.85 0.95 8.41
C THR A 146 7.15 0.71 9.21
N GLN A 147 8.05 -0.15 8.70
CA GLN A 147 9.32 -0.42 9.38
C GLN A 147 10.06 0.88 9.74
N ILE A 148 10.18 1.76 8.76
CA ILE A 148 10.92 3.00 8.99
C ILE A 148 10.24 3.84 10.06
N LYS A 149 8.93 3.98 9.97
CA LYS A 149 8.16 4.68 11.00
C LYS A 149 8.39 4.09 12.37
N LEU A 150 8.32 2.77 12.48
CA LEU A 150 8.55 2.11 13.74
C LEU A 150 9.94 2.32 14.32
N VAL A 151 10.95 2.29 13.46
CA VAL A 151 12.33 2.50 13.89
C VAL A 151 12.56 3.91 14.43
N TRP A 152 11.99 4.91 13.78
CA TRP A 152 12.06 6.29 14.27
C TRP A 152 11.32 6.49 15.56
N TYR A 153 10.12 5.91 15.65
CA TYR A 153 9.32 5.96 16.84
C TYR A 153 10.08 5.31 18.00
N TYR A 154 10.60 4.11 17.78
CA TYR A 154 11.38 3.37 18.76
C TYR A 154 12.50 4.21 19.32
N ASN A 155 13.25 4.89 18.45
CA ASN A 155 14.33 5.74 18.96
C ASN A 155 13.83 7.01 19.70
N ASN A 156 12.73 7.58 19.24
CA ASN A 156 12.11 8.69 19.97
C ASN A 156 11.59 8.26 21.33
N VAL A 157 10.97 7.09 21.44
CA VAL A 157 10.52 6.58 22.74
C VAL A 157 11.69 6.43 23.72
N LEU A 158 12.82 5.96 23.22
CA LEU A 158 14.01 5.79 24.03
C LEU A 158 14.82 7.07 24.28
N GLY A 159 14.41 8.22 23.76
CA GLY A 159 15.17 9.45 23.99
C GLY A 159 16.47 9.54 23.19
N ARG A 160 16.45 9.01 21.96
CA ARG A 160 17.59 9.08 21.05
C ARG A 160 17.12 9.73 19.75
N PRO A 161 16.81 11.04 19.79
CA PRO A 161 16.26 11.70 18.59
C PRO A 161 17.17 11.71 17.36
N GLN A 162 18.49 11.60 17.57
CA GLN A 162 19.43 11.60 16.47
C GLN A 162 19.66 10.22 15.83
N LYS A 163 19.21 9.15 16.46
CA LYS A 163 19.50 7.79 15.97
C LYS A 163 18.40 7.37 14.98
N LYS A 164 18.58 7.74 13.73
CA LYS A 164 17.51 7.66 12.73
C LYS A 164 17.93 7.20 11.36
N LYS A 165 19.24 7.18 11.07
CA LYS A 165 19.69 6.82 9.73
C LYS A 165 19.44 5.34 9.50
N ILE A 166 19.10 5.00 8.28
CA ILE A 166 18.83 3.60 7.89
C ILE A 166 19.83 3.27 6.78
N ILE A 167 20.59 2.20 6.96
CA ILE A 167 21.56 1.79 6.00
C ILE A 167 20.97 0.61 5.19
N SER A 168 20.89 0.79 3.87
CA SER A 168 20.49 -0.26 2.97
C SER A 168 21.72 -0.64 2.15
N ARG A 169 21.53 -1.32 1.01
CA ARG A 169 22.64 -1.81 0.19
C ARG A 169 22.42 -1.55 -1.29
N GLN A 170 23.54 -1.33 -1.99
CA GLN A 170 23.54 -1.25 -3.41
C GLN A 170 22.93 -2.53 -3.99
N ARG A 171 22.03 -2.34 -4.93
CA ARG A 171 21.23 -3.40 -5.59
C ARG A 171 20.14 -4.04 -4.76
N GLY A 172 19.94 -3.57 -3.53
CA GLY A 172 18.82 -4.02 -2.73
C GLY A 172 17.50 -3.52 -3.27
N TYR A 173 16.44 -4.28 -3.01
CA TYR A 173 15.11 -3.90 -3.43
C TYR A 173 14.15 -4.01 -2.27
N HIS A 174 13.54 -2.86 -1.96
CA HIS A 174 12.71 -2.75 -0.80
C HIS A 174 11.42 -2.00 -1.06
N GLY A 175 11.09 -1.75 -2.34
CA GLY A 175 9.88 -1.05 -2.69
C GLY A 175 10.07 0.12 -3.61
N SER A 176 8.93 0.70 -3.98
CA SER A 176 8.87 1.68 -5.07
C SER A 176 8.20 3.00 -4.64
N GLY A 177 8.18 3.27 -3.32
CA GLY A 177 7.69 4.54 -2.83
C GLY A 177 8.79 5.57 -2.72
N ILE A 178 8.54 6.62 -1.94
CA ILE A 178 9.55 7.67 -1.75
C ILE A 178 10.61 7.20 -0.76
N MET A 179 10.21 6.86 0.44
CA MET A 179 11.18 6.35 1.45
C MET A 179 11.61 4.94 1.13
N THR A 180 10.69 4.11 0.64
CA THR A 180 11.04 2.73 0.26
C THR A 180 11.88 2.63 -1.00
N GLY A 181 11.60 3.50 -1.97
CA GLY A 181 12.47 3.64 -3.12
C GLY A 181 13.84 4.18 -2.75
N SER A 182 13.89 5.03 -1.75
CA SER A 182 15.16 5.46 -1.23
C SER A 182 15.97 4.27 -0.65
N LEU A 183 15.31 3.39 0.12
CA LEU A 183 15.94 2.12 0.60
C LEU A 183 16.44 1.25 -0.53
N THR A 184 15.62 1.11 -1.55
CA THR A 184 15.98 0.37 -2.75
C THR A 184 17.30 0.94 -3.27
N GLY A 185 18.15 0.05 -3.76
CA GLY A 185 19.50 0.43 -4.24
C GLY A 185 19.71 0.27 -5.74
N LEU A 186 18.66 0.43 -6.50
CA LEU A 186 18.66 0.32 -7.97
C LEU A 186 18.22 1.65 -8.60
N PRO A 187 18.96 2.13 -9.61
CA PRO A 187 18.80 3.52 -10.06
C PRO A 187 17.47 3.86 -10.70
N ALA A 188 16.79 2.88 -11.27
CA ALA A 188 15.49 3.12 -11.90
C ALA A 188 14.49 3.70 -10.87
N PHE A 189 14.65 3.33 -9.60
CA PHE A 189 13.69 3.78 -8.59
C PHE A 189 14.12 5.11 -7.95
N HIS A 190 15.25 5.65 -8.39
CA HIS A 190 15.79 6.93 -7.89
C HIS A 190 15.79 8.06 -8.89
N ASN A 191 16.29 7.75 -10.08
CA ASN A 191 16.54 8.78 -11.11
C ASN A 191 15.24 9.47 -11.53
N HIS A 192 15.27 10.80 -11.49
CA HIS A 192 14.15 11.67 -11.87
C HIS A 192 13.03 11.66 -10.85
N PHE A 193 13.27 11.06 -9.67
CA PHE A 193 12.36 11.14 -8.51
C PHE A 193 12.98 11.80 -7.30
N ASP A 194 14.20 12.34 -7.44
CA ASP A 194 14.94 13.03 -6.36
C ASP A 194 15.29 12.13 -5.19
N LEU A 195 15.49 10.84 -5.40
CA LEU A 195 15.78 9.90 -4.34
C LEU A 195 17.23 9.42 -4.49
N PRO A 196 17.85 8.89 -3.45
CA PRO A 196 17.23 8.66 -2.15
C PRO A 196 17.24 9.91 -1.27
N LEU A 197 16.26 10.00 -0.39
CA LEU A 197 16.21 11.08 0.57
C LEU A 197 17.08 10.80 1.77
N GLU A 198 17.33 11.86 2.52
CA GLU A 198 17.83 11.69 3.87
C GLU A 198 16.77 10.92 4.69
N PRO A 199 17.16 10.05 5.64
CA PRO A 199 18.51 9.80 6.07
C PRO A 199 18.97 8.39 5.67
N ILE A 200 18.87 8.05 4.39
CA ILE A 200 19.14 6.72 3.92
C ILE A 200 20.53 6.65 3.33
N ARG A 201 21.22 5.54 3.58
CA ARG A 201 22.57 5.35 3.04
C ARG A 201 22.60 3.98 2.40
N HIS A 202 23.58 3.74 1.55
CA HIS A 202 23.71 2.44 0.84
C HIS A 202 25.10 1.95 0.98
N THR A 203 25.25 0.76 1.54
CA THR A 203 26.59 0.21 1.72
C THR A 203 26.83 -0.81 0.61
N THR A 204 27.90 -1.58 0.76
CA THR A 204 28.42 -2.47 -0.28
C THR A 204 27.42 -3.51 -0.80
N CYS A 205 27.41 -3.66 -2.11
CA CYS A 205 26.61 -4.71 -2.76
C CYS A 205 27.16 -6.11 -2.43
N PRO A 206 26.35 -6.96 -1.77
CA PRO A 206 26.93 -8.24 -1.33
C PRO A 206 26.92 -9.30 -2.44
N HIS A 207 27.71 -9.06 -3.46
CA HIS A 207 27.74 -9.85 -4.69
C HIS A 207 29.16 -10.25 -4.99
N TYR A 208 29.47 -11.47 -4.62
CA TYR A 208 30.84 -11.97 -4.70
C TYR A 208 31.44 -11.90 -6.10
N TYR A 209 30.63 -12.18 -7.10
CA TYR A 209 31.10 -12.13 -8.47
C TYR A 209 31.78 -10.79 -8.84
N ARG A 210 31.29 -9.71 -8.24
CA ARG A 210 31.83 -8.37 -8.47
C ARG A 210 32.74 -7.93 -7.34
N ALA A 211 33.20 -8.87 -6.51
CA ALA A 211 34.16 -8.53 -5.48
C ALA A 211 35.45 -7.95 -6.08
N PRO A 212 36.17 -7.11 -5.29
CA PRO A 212 37.45 -6.64 -5.76
C PRO A 212 38.31 -7.83 -6.21
N ALA A 213 39.08 -7.65 -7.27
CA ALA A 213 39.91 -8.72 -7.81
C ALA A 213 40.79 -9.44 -6.77
N GLY A 214 40.87 -10.74 -6.91
CA GLY A 214 41.67 -11.57 -6.06
C GLY A 214 41.15 -11.85 -4.66
N MET A 215 39.95 -11.38 -4.32
CA MET A 215 39.41 -11.65 -2.99
C MET A 215 38.77 -13.04 -2.97
N SER A 216 39.09 -13.80 -1.93
CA SER A 216 38.31 -14.99 -1.65
C SER A 216 36.95 -14.57 -1.11
N GLU A 217 36.10 -15.56 -0.93
CA GLU A 217 34.76 -15.34 -0.46
C GLU A 217 34.76 -14.81 0.96
N ALA A 218 35.58 -15.41 1.83
CA ALA A 218 35.70 -14.98 3.24
C ALA A 218 36.30 -13.59 3.36
N GLU A 219 37.29 -13.29 2.53
CA GLU A 219 37.87 -11.96 2.47
C GLU A 219 36.81 -10.90 2.08
N PHE A 220 35.99 -11.23 1.07
CA PHE A 220 34.93 -10.34 0.63
C PHE A 220 33.86 -10.10 1.71
N SER A 221 33.51 -11.16 2.46
CA SER A 221 32.59 -10.99 3.57
C SER A 221 33.19 -10.05 4.61
N ARG A 222 34.50 -10.15 4.81
CA ARG A 222 35.19 -9.24 5.75
C ARG A 222 35.28 -7.81 5.18
N HIS A 223 35.50 -7.70 3.87
CA HIS A 223 35.46 -6.41 3.20
C HIS A 223 34.08 -5.72 3.37
N CYS A 224 33.00 -6.47 3.22
CA CYS A 224 31.67 -5.91 3.41
C CYS A 224 31.47 -5.41 4.84
N ALA A 225 31.83 -6.25 5.79
CA ALA A 225 31.78 -5.87 7.21
C ALA A 225 32.59 -4.58 7.51
N ASP A 226 33.79 -4.49 6.94
CA ASP A 226 34.63 -3.33 7.20
C ASP A 226 34.12 -2.05 6.56
N GLU A 227 33.61 -2.18 5.34
CA GLU A 227 32.96 -1.03 4.68
C GLU A 227 31.76 -0.51 5.50
N LEU A 228 30.98 -1.42 6.08
CA LEU A 228 29.84 -1.03 6.89
C LEU A 228 30.32 -0.31 8.13
N GLU A 229 31.35 -0.86 8.77
CA GLU A 229 31.94 -0.20 9.96
C GLU A 229 32.39 1.22 9.64
N LYS A 230 33.11 1.34 8.53
CA LYS A 230 33.61 2.62 8.08
C LYS A 230 32.45 3.64 7.89
N MET A 231 31.38 3.20 7.23
CA MET A 231 30.19 4.03 7.08
C MET A 231 29.63 4.46 8.44
N ILE A 232 29.50 3.51 9.35
CA ILE A 232 28.93 3.79 10.71
C ILE A 232 29.76 4.83 11.48
N LEU A 233 31.08 4.70 11.41
CA LEU A 233 31.99 5.64 12.03
C LEU A 233 31.95 7.00 11.36
N ALA A 234 31.83 7.03 10.02
CA ALA A 234 31.75 8.30 9.30
C ALA A 234 30.42 9.01 9.63
N GLU A 235 29.36 8.25 9.84
CA GLU A 235 28.07 8.83 10.15
C GLU A 235 27.96 9.22 11.62
N GLY A 236 28.68 8.49 12.47
CA GLY A 236 28.52 8.58 13.90
C GLY A 236 27.51 7.51 14.30
N PRO A 237 27.96 6.48 15.03
CA PRO A 237 27.11 5.33 15.39
C PRO A 237 25.84 5.67 16.10
N ASP A 238 25.90 6.68 16.94
CA ASP A 238 24.69 7.14 17.64
C ASP A 238 23.63 7.76 16.71
N THR A 239 23.96 8.01 15.45
CA THR A 239 22.98 8.49 14.47
C THR A 239 22.42 7.39 13.56
N VAL A 240 22.88 6.13 13.72
CA VAL A 240 22.46 5.04 12.80
C VAL A 240 21.49 4.13 13.54
N ALA A 241 20.25 4.08 13.03
CA ALA A 241 19.17 3.35 13.69
C ALA A 241 19.05 1.90 13.24
N ALA A 242 19.18 1.66 11.95
CA ALA A 242 18.84 0.32 11.41
C ALA A 242 19.58 0.01 10.14
N PHE A 243 19.64 -1.29 9.84
CA PHE A 243 20.22 -1.84 8.64
C PHE A 243 19.17 -2.76 8.03
N ILE A 244 18.92 -2.59 6.74
CA ILE A 244 17.90 -3.41 6.09
C ILE A 244 18.52 -4.25 4.98
N GLY A 245 18.16 -5.54 4.94
CA GLY A 245 18.69 -6.38 3.89
C GLY A 245 17.79 -7.57 3.60
N GLU A 246 17.67 -7.91 2.32
CA GLU A 246 17.11 -9.18 1.92
C GLU A 246 18.13 -10.27 2.23
N PRO A 247 17.70 -11.42 2.80
CA PRO A 247 18.69 -12.48 3.02
C PRO A 247 19.44 -12.88 1.73
N VAL A 248 18.67 -13.06 0.67
CA VAL A 248 19.14 -13.20 -0.72
C VAL A 248 18.52 -12.08 -1.51
N MET A 249 19.31 -11.38 -2.32
CA MET A 249 18.78 -10.25 -3.11
C MET A 249 17.95 -10.82 -4.26
N GLY A 250 16.75 -10.27 -4.46
CA GLY A 250 15.82 -10.69 -5.49
C GLY A 250 16.00 -9.86 -6.75
N THR A 251 15.30 -8.73 -6.79
CA THR A 251 15.29 -7.89 -7.98
C THR A 251 16.66 -7.35 -8.40
N GLY A 252 17.58 -7.24 -7.46
CA GLY A 252 18.96 -6.84 -7.75
C GLY A 252 19.83 -7.93 -8.35
N GLY A 253 19.25 -9.11 -8.61
CA GLY A 253 19.86 -10.09 -9.51
C GLY A 253 19.99 -11.52 -9.04
N ILE A 254 19.15 -11.93 -8.08
CA ILE A 254 19.16 -13.25 -7.49
C ILE A 254 20.57 -13.56 -6.97
N VAL A 255 20.92 -12.91 -5.85
CA VAL A 255 22.28 -12.88 -5.32
C VAL A 255 22.32 -13.41 -3.88
N PRO A 256 22.66 -14.70 -3.75
CA PRO A 256 22.92 -15.24 -2.42
C PRO A 256 24.09 -14.50 -1.82
N PRO A 257 24.10 -14.34 -0.50
CA PRO A 257 25.22 -13.66 0.17
C PRO A 257 26.49 -14.52 0.16
N PRO A 258 27.67 -13.88 0.25
CA PRO A 258 28.89 -14.69 0.33
C PRO A 258 28.95 -15.46 1.64
N GLU A 259 29.67 -16.59 1.63
CA GLU A 259 29.88 -17.40 2.85
C GLU A 259 30.37 -16.50 4.00
N GLY A 260 29.71 -16.61 5.15
CA GLY A 260 30.05 -15.81 6.35
C GLY A 260 29.55 -14.37 6.42
N TYR A 261 28.88 -13.89 5.36
CA TYR A 261 28.42 -12.51 5.30
C TYR A 261 27.51 -12.14 6.48
N TRP A 262 26.43 -12.90 6.68
CA TRP A 262 25.46 -12.52 7.71
C TRP A 262 25.98 -12.49 9.15
N GLU A 263 26.87 -13.39 9.46
CA GLU A 263 27.53 -13.43 10.77
C GLU A 263 28.41 -12.19 10.89
N ALA A 264 29.16 -11.85 9.84
CA ALA A 264 30.09 -10.74 9.93
C ALA A 264 29.34 -9.41 10.06
N ILE A 265 28.26 -9.27 9.30
CA ILE A 265 27.44 -8.08 9.38
C ILE A 265 26.79 -7.95 10.76
N GLN A 266 26.19 -9.04 11.24
CA GLN A 266 25.43 -8.96 12.52
C GLN A 266 26.35 -8.56 13.71
N ALA A 267 27.60 -9.01 13.69
CA ALA A 267 28.57 -8.64 14.74
C ALA A 267 28.77 -7.13 14.72
N VAL A 268 28.86 -6.53 13.53
CA VAL A 268 29.00 -5.07 13.44
C VAL A 268 27.75 -4.34 13.95
N LEU A 269 26.59 -4.84 13.56
CA LEU A 269 25.31 -4.21 14.00
C LEU A 269 25.14 -4.28 15.50
N ASN A 270 25.50 -5.42 16.09
CA ASN A 270 25.40 -5.58 17.55
C ASN A 270 26.38 -4.70 18.29
N LYS A 271 27.60 -4.58 17.77
CA LYS A 271 28.61 -3.73 18.39
C LYS A 271 28.11 -2.29 18.49
N TYR A 272 27.36 -1.82 17.48
CA TYR A 272 26.91 -0.44 17.47
C TYR A 272 25.44 -0.22 17.76
N ASP A 273 24.77 -1.23 18.29
CA ASP A 273 23.37 -1.11 18.72
C ASP A 273 22.45 -0.66 17.57
N ILE A 274 22.56 -1.35 16.44
CA ILE A 274 21.80 -1.01 15.22
C ILE A 274 20.81 -2.14 14.95
N LEU A 275 19.54 -1.79 14.73
CA LEU A 275 18.50 -2.81 14.52
C LEU A 275 18.72 -3.46 13.15
N LEU A 276 18.40 -4.75 13.06
CA LEU A 276 18.40 -5.44 11.76
C LEU A 276 16.96 -5.68 11.28
N ILE A 277 16.65 -5.14 10.11
CA ILE A 277 15.42 -5.47 9.40
C ILE A 277 15.70 -6.50 8.34
N ALA A 278 15.10 -7.69 8.45
CA ALA A 278 15.18 -8.67 7.37
C ALA A 278 14.02 -8.46 6.41
N ASP A 279 14.35 -8.14 5.16
CA ASP A 279 13.31 -8.03 4.15
C ASP A 279 13.11 -9.40 3.53
N GLU A 280 12.06 -10.07 3.97
CA GLU A 280 11.73 -11.43 3.54
C GLU A 280 10.58 -11.47 2.53
N VAL A 281 10.41 -10.40 1.78
CA VAL A 281 9.28 -10.34 0.87
C VAL A 281 9.42 -11.47 -0.17
N VAL A 282 10.62 -11.74 -0.63
CA VAL A 282 10.85 -12.83 -1.55
C VAL A 282 11.11 -14.17 -0.85
N CYS A 283 12.04 -14.16 0.12
CA CYS A 283 12.49 -15.39 0.78
C CYS A 283 11.47 -15.96 1.79
N GLY A 284 10.50 -15.18 2.20
CA GLY A 284 9.53 -15.61 3.17
C GLY A 284 8.63 -16.72 2.65
N PHE A 285 8.38 -17.69 3.52
CA PHE A 285 7.47 -18.79 3.29
C PHE A 285 7.93 -19.81 2.23
N GLY A 286 9.19 -20.22 2.30
CA GLY A 286 9.65 -21.49 1.72
C GLY A 286 10.66 -21.43 0.58
N ARG A 287 10.84 -20.28 -0.06
CA ARG A 287 11.54 -20.25 -1.35
C ARG A 287 13.00 -20.69 -1.31
N THR A 288 13.71 -20.42 -0.23
CA THR A 288 15.12 -20.86 -0.15
C THR A 288 15.26 -22.31 0.29
N GLY A 289 14.17 -22.96 0.66
CA GLY A 289 14.22 -24.31 1.21
C GLY A 289 14.23 -24.32 2.72
N SER A 290 14.21 -23.14 3.30
CA SER A 290 13.90 -22.96 4.70
C SER A 290 12.62 -22.10 4.78
N MET A 291 12.03 -22.08 5.98
CA MET A 291 10.82 -21.34 6.23
C MET A 291 10.98 -19.87 5.82
N PHE A 292 12.07 -19.25 6.24
CA PHE A 292 12.43 -17.88 5.85
C PHE A 292 13.90 -17.89 5.44
N GLY A 293 14.33 -16.89 4.69
CA GLY A 293 15.77 -16.68 4.42
C GLY A 293 16.60 -16.48 5.68
N SER A 294 15.99 -15.85 6.69
CA SER A 294 16.63 -15.67 8.00
C SER A 294 17.01 -17.01 8.62
N HIS A 295 16.11 -18.02 8.54
CA HIS A 295 16.40 -19.36 9.05
C HIS A 295 17.58 -19.90 8.26
N HIS A 296 17.51 -19.76 6.94
CA HIS A 296 18.49 -20.37 6.06
C HIS A 296 19.91 -19.89 6.30
N TYR A 297 20.07 -18.59 6.56
CA TYR A 297 21.42 -17.99 6.75
C TYR A 297 21.78 -17.70 8.20
N GLY A 298 20.96 -18.14 9.13
CA GLY A 298 21.18 -17.83 10.56
C GLY A 298 21.14 -16.33 10.92
N MET A 299 20.25 -15.60 10.28
CA MET A 299 20.08 -14.18 10.65
C MET A 299 19.19 -14.06 11.88
N LYS A 300 19.38 -13.00 12.66
CA LYS A 300 18.59 -12.77 13.86
C LYS A 300 17.97 -11.37 13.81
N PRO A 301 16.95 -11.20 13.00
CA PRO A 301 16.43 -9.83 12.82
C PRO A 301 15.58 -9.37 13.97
N ASP A 302 15.54 -8.06 14.12
CA ASP A 302 14.69 -7.39 15.08
C ASP A 302 13.30 -7.13 14.54
N LEU A 303 13.23 -7.00 13.20
CA LEU A 303 12.03 -6.67 12.47
C LEU A 303 12.03 -7.42 11.13
N ILE A 304 10.86 -7.91 10.71
CA ILE A 304 10.81 -8.68 9.46
C ILE A 304 9.69 -8.19 8.53
N THR A 305 9.99 -8.05 7.26
CA THR A 305 9.00 -7.66 6.25
C THR A 305 8.58 -8.88 5.47
N VAL A 306 7.27 -9.10 5.34
CA VAL A 306 6.76 -10.16 4.46
C VAL A 306 5.68 -9.64 3.51
N ALA A 307 5.55 -10.33 2.38
CA ALA A 307 4.40 -10.12 1.42
C ALA A 307 4.45 -11.30 0.42
N LYS A 308 4.15 -11.06 -0.85
CA LYS A 308 4.28 -12.09 -1.94
C LYS A 308 3.82 -13.49 -1.54
N GLY A 309 4.76 -14.34 -1.13
CA GLY A 309 4.46 -15.72 -0.74
C GLY A 309 3.59 -15.91 0.47
N LEU A 310 3.33 -14.83 1.20
CA LEU A 310 2.34 -14.83 2.28
C LEU A 310 0.97 -15.24 1.82
N THR A 311 0.57 -14.82 0.64
CA THR A 311 -0.68 -15.20 0.03
C THR A 311 -0.52 -15.91 -1.34
N SER A 312 0.72 -16.15 -1.78
CA SER A 312 1.02 -16.56 -3.15
C SER A 312 0.35 -15.62 -4.17
N ALA A 313 0.24 -14.34 -3.77
CA ALA A 313 -0.38 -13.31 -4.58
C ALA A 313 -1.88 -13.46 -4.84
N TYR A 314 -2.53 -14.44 -4.20
CA TYR A 314 -3.96 -14.63 -4.39
C TYR A 314 -4.76 -13.48 -3.89
N ALA A 315 -4.24 -12.78 -2.86
CA ALA A 315 -4.81 -11.49 -2.47
C ALA A 315 -3.73 -10.65 -1.90
N PRO A 316 -3.83 -9.31 -2.02
CA PRO A 316 -2.70 -8.50 -1.56
C PRO A 316 -2.64 -8.44 -0.03
N LEU A 317 -1.48 -8.76 0.54
CA LEU A 317 -1.28 -8.70 1.98
C LEU A 317 0.21 -8.56 2.26
N SER A 318 0.53 -7.75 3.24
CA SER A 318 1.90 -7.59 3.72
C SER A 318 1.91 -7.65 5.23
N GLY A 319 3.07 -7.96 5.78
CA GLY A 319 3.27 -8.10 7.19
C GLY A 319 4.58 -7.47 7.64
N VAL A 320 4.53 -6.83 8.82
CA VAL A 320 5.68 -6.42 9.60
C VAL A 320 5.64 -7.26 10.88
N ILE A 321 6.62 -8.13 11.02
CA ILE A 321 6.74 -9.01 12.20
C ILE A 321 7.71 -8.29 13.14
N VAL A 322 7.20 -7.99 14.33
CA VAL A 322 7.94 -7.17 15.30
C VAL A 322 8.49 -8.09 16.40
N GLY A 323 9.81 -8.06 16.55
CA GLY A 323 10.51 -8.79 17.61
C GLY A 323 10.21 -8.30 18.99
N GLU A 324 10.55 -9.10 20.00
CA GLU A 324 10.18 -8.77 21.41
C GLU A 324 10.86 -7.48 21.85
N LYS A 325 12.08 -7.26 21.41
CA LYS A 325 12.80 -6.06 21.85
C LYS A 325 12.16 -4.77 21.34
N VAL A 326 11.77 -4.71 20.06
CA VAL A 326 11.09 -3.53 19.57
C VAL A 326 9.70 -3.46 20.19
N TRP A 327 9.01 -4.60 20.31
CA TRP A 327 7.64 -4.59 20.82
C TRP A 327 7.55 -3.97 22.22
N LYS A 328 8.47 -4.33 23.11
CA LYS A 328 8.52 -3.78 24.48
C LYS A 328 8.59 -2.25 24.47
N VAL A 329 9.39 -1.70 23.58
CA VAL A 329 9.49 -0.26 23.46
C VAL A 329 8.23 0.35 22.86
N LEU A 330 7.59 -0.33 21.93
CA LEU A 330 6.34 0.17 21.41
C LEU A 330 5.26 0.24 22.50
N GLU A 331 5.20 -0.76 23.37
CA GLU A 331 4.24 -0.73 24.50
C GLU A 331 4.56 0.40 25.46
N GLN A 332 5.85 0.59 25.75
CA GLN A 332 6.32 1.72 26.55
C GLN A 332 5.91 3.04 25.91
N GLY A 333 6.02 3.11 24.57
CA GLY A 333 5.60 4.28 23.83
C GLY A 333 4.14 4.60 24.03
N SER A 334 3.28 3.58 24.01
N SER A 334 3.28 3.58 24.02
CA SER A 334 1.85 3.83 24.20
CA SER A 334 1.85 3.82 24.20
C SER A 334 1.58 4.36 25.62
C SER A 334 1.57 4.35 25.61
N ASP A 335 2.27 3.82 26.62
CA ASP A 335 2.19 4.38 27.97
C ASP A 335 2.41 5.88 28.05
N GLN A 336 3.48 6.31 27.40
CA GLN A 336 3.81 7.73 27.49
C GLN A 336 3.07 8.57 26.46
N TYR A 337 2.73 8.03 25.28
CA TYR A 337 2.17 8.85 24.21
C TYR A 337 0.76 8.57 23.73
N GLY A 338 0.14 7.49 24.18
CA GLY A 338 -1.23 7.15 23.77
C GLY A 338 -1.24 6.25 22.54
N PRO A 339 -2.44 6.00 21.99
CA PRO A 339 -2.57 5.07 20.86
C PRO A 339 -1.61 5.42 19.72
N ILE A 340 -0.98 4.43 19.12
CA ILE A 340 -0.03 4.72 18.03
C ILE A 340 -0.70 5.37 16.80
N GLY A 341 -0.13 6.48 16.32
CA GLY A 341 -0.67 7.19 15.17
C GLY A 341 -0.25 6.51 13.84
N HIS A 342 -0.75 5.30 13.61
CA HIS A 342 -0.46 4.58 12.39
C HIS A 342 -1.59 3.64 12.08
N GLY A 343 -2.03 3.68 10.84
CA GLY A 343 -3.04 2.74 10.36
C GLY A 343 -3.33 2.90 8.91
N TRP A 344 -3.63 1.78 8.23
CA TRP A 344 -4.18 1.79 6.91
C TRP A 344 -5.60 1.29 7.01
N THR A 345 -6.49 1.87 6.20
CA THR A 345 -7.92 1.51 6.17
C THR A 345 -8.07 0.00 6.06
N TYR A 346 -7.27 -0.60 5.17
CA TYR A 346 -7.36 -2.01 4.89
C TYR A 346 -6.43 -2.92 5.66
N SER A 347 -5.81 -2.39 6.72
CA SER A 347 -4.99 -3.18 7.61
C SER A 347 -5.82 -4.31 8.21
N GLY A 348 -5.34 -5.53 7.97
CA GLY A 348 -5.96 -6.75 8.49
C GLY A 348 -7.17 -7.21 7.69
N HIS A 349 -7.22 -6.83 6.41
CA HIS A 349 -8.38 -7.11 5.54
C HIS A 349 -8.81 -8.57 5.58
N PRO A 350 -10.06 -8.84 6.00
CA PRO A 350 -10.56 -10.22 6.16
C PRO A 350 -10.34 -11.20 4.98
N ILE A 351 -10.65 -10.78 3.76
CA ILE A 351 -10.49 -11.68 2.62
C ILE A 351 -9.01 -11.95 2.31
N CYS A 352 -8.16 -10.95 2.55
CA CYS A 352 -6.74 -11.10 2.30
C CYS A 352 -6.11 -12.05 3.33
N ALA A 353 -6.56 -11.91 4.57
CA ALA A 353 -6.22 -12.85 5.64
C ALA A 353 -6.71 -14.28 5.35
N ALA A 354 -7.94 -14.41 4.83
CA ALA A 354 -8.47 -15.75 4.49
C ALA A 354 -7.66 -16.39 3.36
N ALA A 355 -7.20 -15.58 2.42
CA ALA A 355 -6.37 -16.10 1.34
C ALA A 355 -5.04 -16.61 1.93
N ALA A 356 -4.46 -15.84 2.85
CA ALA A 356 -3.21 -16.24 3.49
C ALA A 356 -3.35 -17.56 4.23
N LEU A 357 -4.46 -17.75 4.92
CA LEU A 357 -4.66 -19.00 5.67
C LEU A 357 -4.71 -20.21 4.76
N ALA A 358 -5.45 -20.10 3.67
CA ALA A 358 -5.54 -21.22 2.74
C ALA A 358 -4.18 -21.47 2.07
N ASN A 359 -3.47 -20.39 1.74
CA ASN A 359 -2.17 -20.47 1.13
C ASN A 359 -1.21 -21.24 2.08
N LEU A 360 -1.16 -20.83 3.34
CA LEU A 360 -0.28 -21.50 4.31
C LEU A 360 -0.70 -22.98 4.53
N ASP A 361 -2.01 -23.29 4.53
CA ASP A 361 -2.49 -24.69 4.60
C ASP A 361 -1.86 -25.54 3.50
N ILE A 362 -1.86 -24.99 2.28
CA ILE A 362 -1.29 -25.69 1.12
C ILE A 362 0.22 -25.89 1.25
N ILE A 363 0.90 -24.82 1.61
CA ILE A 363 2.35 -24.87 1.77
C ILE A 363 2.76 -25.94 2.79
N GLU A 364 1.99 -26.01 3.88
CA GLU A 364 2.31 -26.95 4.95
C GLU A 364 1.94 -28.35 4.52
N ARG A 365 0.73 -28.53 4.00
CA ARG A 365 0.25 -29.86 3.59
C ARG A 365 1.09 -30.52 2.51
N GLU A 366 1.50 -29.76 1.49
CA GLU A 366 2.27 -30.31 0.39
C GLU A 366 3.77 -30.20 0.64
N ASN A 367 4.17 -29.70 1.83
CA ASN A 367 5.57 -29.52 2.16
C ASN A 367 6.37 -28.84 1.03
N LEU A 368 5.91 -27.65 0.63
CA LEU A 368 6.58 -26.93 -0.43
C LEU A 368 7.93 -26.36 -0.01
N THR A 369 8.12 -26.11 1.30
CA THR A 369 9.43 -25.77 1.80
C THR A 369 10.45 -26.88 1.49
N GLY A 370 10.09 -28.12 1.79
CA GLY A 370 10.92 -29.29 1.47
C GLY A 370 11.10 -29.50 -0.02
N ASN A 371 10.05 -29.25 -0.79
CA ASN A 371 10.21 -29.29 -2.25
C ASN A 371 11.19 -28.22 -2.75
N ALA A 372 11.08 -27.03 -2.19
CA ALA A 372 12.02 -25.98 -2.51
C ALA A 372 13.44 -26.36 -2.19
N ALA A 373 13.67 -27.06 -1.08
CA ALA A 373 15.02 -27.55 -0.76
C ALA A 373 15.46 -28.63 -1.74
N ASP A 374 14.63 -29.65 -1.93
CA ASP A 374 14.99 -30.81 -2.81
C ASP A 374 15.07 -30.50 -4.29
N THR A 375 13.96 -30.07 -4.87
CA THR A 375 13.93 -29.71 -6.29
C THR A 375 14.82 -28.49 -6.53
N GLY A 376 14.91 -27.62 -5.52
CA GLY A 376 15.82 -26.48 -5.60
C GLY A 376 17.28 -26.85 -5.71
N ALA A 377 17.75 -27.78 -4.88
CA ALA A 377 19.12 -28.27 -4.97
C ALA A 377 19.34 -28.90 -6.36
N TYR A 378 18.36 -29.68 -6.82
CA TYR A 378 18.45 -30.24 -8.17
C TYR A 378 18.55 -29.16 -9.23
N PHE A 379 17.72 -28.12 -9.08
CA PHE A 379 17.75 -26.96 -9.99
C PHE A 379 19.14 -26.32 -10.06
N GLN A 380 19.73 -26.06 -8.89
CA GLN A 380 21.04 -25.40 -8.82
C GLN A 380 22.10 -26.28 -9.45
N GLN A 381 22.05 -27.56 -9.16
CA GLN A 381 23.01 -28.53 -9.73
C GLN A 381 22.87 -28.55 -11.27
N ARG A 382 21.63 -28.67 -11.75
CA ARG A 382 21.41 -28.69 -13.19
C ARG A 382 21.87 -27.43 -13.90
N MET A 383 21.69 -26.28 -13.24
CA MET A 383 22.10 -25.00 -13.81
C MET A 383 23.63 -24.91 -13.91
N ARG A 384 24.32 -25.36 -12.88
CA ARG A 384 25.78 -25.35 -12.88
C ARG A 384 26.32 -26.28 -13.98
N GLU A 385 25.75 -27.49 -14.09
CA GLU A 385 26.20 -28.45 -15.08
C GLU A 385 26.07 -27.88 -16.48
N THR A 386 24.92 -27.27 -16.73
CA THR A 386 24.55 -26.83 -18.05
C THR A 386 25.27 -25.53 -18.46
N PHE A 387 25.50 -24.62 -17.49
CA PHE A 387 25.98 -23.28 -17.81
C PHE A 387 27.31 -22.88 -17.20
N GLY A 388 27.85 -23.67 -16.28
CA GLY A 388 29.09 -23.34 -15.56
C GLY A 388 30.31 -23.09 -16.47
N ASP A 389 30.34 -23.76 -17.62
CA ASP A 389 31.38 -23.56 -18.62
C ASP A 389 30.88 -22.94 -19.90
N HIS A 390 29.69 -22.33 -19.90
CA HIS A 390 29.17 -21.70 -21.11
C HIS A 390 29.94 -20.38 -21.35
N PRO A 391 30.43 -20.15 -22.57
CA PRO A 391 31.26 -18.96 -22.88
C PRO A 391 30.60 -17.60 -22.66
N LEU A 392 29.28 -17.54 -22.78
CA LEU A 392 28.48 -16.34 -22.54
C LEU A 392 28.21 -16.06 -21.07
N VAL A 393 28.36 -17.05 -20.20
CA VAL A 393 27.88 -16.98 -18.82
C VAL A 393 29.05 -16.76 -17.89
N GLY A 394 29.07 -15.58 -17.28
CA GLY A 394 30.03 -15.26 -16.24
C GLY A 394 29.77 -15.94 -14.91
N GLU A 395 28.51 -16.03 -14.51
CA GLU A 395 28.22 -16.68 -13.23
C GLU A 395 26.86 -17.38 -13.28
N VAL A 396 26.82 -18.52 -12.61
CA VAL A 396 25.59 -19.24 -12.34
C VAL A 396 25.49 -19.17 -10.86
N ARG A 397 24.31 -18.75 -10.33
CA ARG A 397 24.13 -18.63 -8.89
C ARG A 397 22.68 -18.87 -8.52
N GLY A 398 22.45 -19.15 -7.24
CA GLY A 398 21.11 -19.30 -6.68
C GLY A 398 21.10 -20.12 -5.42
N VAL A 399 19.93 -20.24 -4.84
CA VAL A 399 19.69 -21.08 -3.68
C VAL A 399 18.23 -21.48 -3.70
N GLY A 400 17.93 -22.72 -3.29
CA GLY A 400 16.55 -23.18 -3.30
C GLY A 400 15.92 -23.00 -4.67
N LEU A 401 14.72 -22.40 -4.72
CA LEU A 401 14.08 -22.17 -6.01
C LEU A 401 14.22 -20.71 -6.53
N MET A 402 15.42 -20.18 -6.41
CA MET A 402 15.76 -18.99 -7.18
C MET A 402 17.15 -19.16 -7.75
N ALA A 403 17.33 -18.74 -8.99
CA ALA A 403 18.60 -18.92 -9.70
C ALA A 403 18.73 -17.85 -10.77
N ALA A 404 19.97 -17.57 -11.16
CA ALA A 404 20.23 -16.63 -12.24
C ALA A 404 21.48 -16.99 -13.00
N LEU A 405 21.51 -16.54 -14.26
CA LEU A 405 22.68 -16.59 -15.13
C LEU A 405 23.08 -15.15 -15.42
N GLU A 406 24.32 -14.79 -15.15
CA GLU A 406 24.82 -13.48 -15.52
C GLU A 406 25.74 -13.62 -16.69
N PHE A 407 25.51 -12.80 -17.72
CA PHE A 407 26.22 -12.86 -18.99
C PHE A 407 27.31 -11.82 -19.06
N VAL A 408 28.45 -12.20 -19.62
CA VAL A 408 29.58 -11.30 -19.73
C VAL A 408 30.25 -11.40 -21.07
N ALA A 409 30.85 -10.30 -21.48
CA ALA A 409 31.55 -10.20 -22.75
C ALA A 409 32.91 -10.86 -22.70
N ASP A 410 33.52 -10.90 -21.52
CA ASP A 410 34.84 -11.54 -21.31
C ASP A 410 34.80 -12.20 -19.93
N LYS A 411 34.78 -13.54 -19.93
CA LYS A 411 34.76 -14.29 -18.67
C LYS A 411 36.01 -14.08 -17.83
N ASP A 412 37.16 -13.84 -18.46
CA ASP A 412 38.39 -13.65 -17.70
C ASP A 412 38.38 -12.35 -16.87
N LYS A 413 37.88 -11.27 -17.46
CA LYS A 413 37.92 -9.98 -16.80
C LYS A 413 36.56 -9.53 -16.25
N ARG A 414 35.55 -10.38 -16.43
CA ARG A 414 34.17 -10.14 -15.95
C ARG A 414 33.50 -8.91 -16.60
N THR A 415 34.03 -8.53 -17.75
CA THR A 415 33.60 -7.37 -18.50
C THR A 415 32.13 -7.43 -18.92
N ARG A 416 31.46 -6.30 -18.76
CA ARG A 416 30.05 -6.19 -19.05
C ARG A 416 29.87 -5.88 -20.53
N PHE A 417 28.76 -6.33 -21.11
CA PHE A 417 28.40 -5.92 -22.47
C PHE A 417 28.00 -4.47 -22.47
N ASP A 418 28.18 -3.82 -23.61
CA ASP A 418 27.54 -2.54 -23.86
C ASP A 418 26.03 -2.72 -23.60
N PRO A 419 25.43 -1.86 -22.76
CA PRO A 419 24.01 -2.05 -22.49
C PRO A 419 23.11 -1.97 -23.69
N SER A 420 23.55 -1.29 -24.74
CA SER A 420 22.76 -1.17 -25.97
C SER A 420 22.57 -2.51 -26.69
N LEU A 421 23.44 -3.47 -26.46
CA LEU A 421 23.28 -4.80 -27.06
C LEU A 421 22.11 -5.58 -26.44
N LYS A 422 21.64 -5.18 -25.26
CA LYS A 422 20.46 -5.78 -24.63
C LYS A 422 20.55 -7.30 -24.52
N VAL A 423 21.69 -7.80 -24.04
CA VAL A 423 21.96 -9.23 -24.03
C VAL A 423 20.96 -9.97 -23.12
N GLY A 424 20.75 -9.46 -21.92
CA GLY A 424 19.78 -10.06 -21.01
C GLY A 424 18.36 -10.10 -21.60
N PRO A 425 17.83 -8.93 -21.97
CA PRO A 425 16.51 -8.90 -22.62
C PRO A 425 16.37 -9.85 -23.84
N ARG A 426 17.44 -9.98 -24.63
CA ARG A 426 17.42 -10.88 -25.78
C ARG A 426 17.33 -12.37 -25.41
N VAL A 427 18.06 -12.79 -24.38
CA VAL A 427 17.98 -14.17 -23.94
C VAL A 427 16.56 -14.43 -23.41
N SER A 428 16.03 -13.51 -22.61
CA SER A 428 14.66 -13.59 -22.09
C SER A 428 13.63 -13.73 -23.25
N ALA A 429 13.79 -12.91 -24.29
CA ALA A 429 12.91 -12.93 -25.45
C ALA A 429 13.02 -14.24 -26.23
N ALA A 430 14.22 -14.80 -26.33
CA ALA A 430 14.38 -16.10 -26.95
C ALA A 430 13.69 -17.21 -26.12
N CYS A 431 13.75 -17.10 -24.78
CA CYS A 431 13.02 -18.06 -23.95
C CYS A 431 11.52 -18.00 -24.20
N LEU A 432 11.00 -16.80 -24.27
CA LEU A 432 9.59 -16.58 -24.47
C LEU A 432 9.11 -17.11 -25.82
N GLU A 433 9.92 -16.96 -26.88
CA GLU A 433 9.63 -17.59 -28.17
C GLU A 433 9.44 -19.09 -28.02
N ASP A 434 10.19 -19.70 -27.10
CA ASP A 434 10.04 -21.13 -26.78
C ASP A 434 9.06 -21.41 -25.66
N GLY A 435 8.17 -20.48 -25.36
CA GLY A 435 7.08 -20.74 -24.42
C GLY A 435 7.47 -20.68 -22.93
N MET A 436 8.58 -20.05 -22.57
CA MET A 436 8.97 -19.93 -21.17
C MET A 436 9.25 -18.49 -20.76
N ILE A 437 8.73 -18.14 -19.58
CA ILE A 437 8.93 -16.84 -18.98
C ILE A 437 10.06 -16.92 -17.95
N ALA A 438 11.19 -16.24 -18.24
CA ALA A 438 12.24 -15.98 -17.27
C ALA A 438 12.67 -14.49 -17.45
N ARG A 439 12.94 -13.79 -16.34
CA ARG A 439 13.08 -12.34 -16.38
C ARG A 439 14.48 -11.87 -16.72
N ALA A 440 14.54 -10.90 -17.63
CA ALA A 440 15.76 -10.16 -17.86
C ALA A 440 15.84 -9.20 -16.67
N MET A 441 16.73 -9.48 -15.72
CA MET A 441 16.77 -8.72 -14.50
C MET A 441 17.26 -7.30 -14.78
N PRO A 442 16.82 -6.33 -13.97
CA PRO A 442 17.25 -4.95 -14.22
C PRO A 442 18.72 -4.59 -14.00
N HIS A 443 19.18 -3.55 -14.70
N HIS A 443 19.18 -3.55 -14.70
CA HIS A 443 20.52 -2.97 -14.51
CA HIS A 443 20.53 -2.98 -14.51
C HIS A 443 21.63 -4.03 -14.59
C HIS A 443 21.63 -4.03 -14.59
N GLY A 444 21.65 -4.73 -15.71
CA GLY A 444 22.60 -5.80 -15.94
C GLY A 444 22.15 -6.68 -17.07
N ASP A 445 22.99 -7.66 -17.38
CA ASP A 445 22.59 -8.74 -18.29
C ASP A 445 22.47 -10.03 -17.50
N ILE A 446 21.26 -10.26 -16.98
CA ILE A 446 21.03 -11.35 -16.04
C ILE A 446 19.70 -12.02 -16.36
N LEU A 447 19.69 -13.35 -16.43
CA LEU A 447 18.46 -14.09 -16.62
C LEU A 447 18.13 -14.72 -15.29
N GLY A 448 17.00 -14.32 -14.71
CA GLY A 448 16.51 -14.81 -13.43
C GLY A 448 15.36 -15.82 -13.51
N PHE A 449 15.35 -16.72 -12.54
CA PHE A 449 14.31 -17.72 -12.41
C PHE A 449 13.81 -17.76 -10.99
N ALA A 450 12.51 -17.80 -10.83
CA ALA A 450 11.89 -17.94 -9.53
C ALA A 450 10.55 -18.68 -9.71
N PRO A 451 10.62 -19.98 -9.98
CA PRO A 451 9.41 -20.72 -10.34
C PRO A 451 8.51 -20.98 -9.13
N PRO A 452 7.22 -21.29 -9.36
CA PRO A 452 6.37 -21.74 -8.25
C PRO A 452 7.03 -22.87 -7.49
N LEU A 453 6.78 -22.87 -6.17
CA LEU A 453 7.37 -23.84 -5.27
C LEU A 453 6.86 -25.28 -5.47
N VAL A 454 5.78 -25.47 -6.25
CA VAL A 454 5.29 -26.80 -6.67
C VAL A 454 6.03 -27.41 -7.84
N ILE A 455 7.01 -26.70 -8.41
CA ILE A 455 7.66 -27.18 -9.60
C ILE A 455 8.33 -28.56 -9.36
N THR A 456 8.22 -29.47 -10.35
CA THR A 456 8.90 -30.76 -10.28
C THR A 456 10.30 -30.72 -10.90
N ARG A 457 11.08 -31.75 -10.64
CA ARG A 457 12.40 -31.89 -11.30
C ARG A 457 12.27 -31.95 -12.80
N ALA A 458 11.24 -32.69 -13.26
CA ALA A 458 10.99 -32.80 -14.71
C ALA A 458 10.74 -31.42 -15.29
N GLU A 459 9.98 -30.58 -14.58
CA GLU A 459 9.73 -29.22 -15.06
C GLU A 459 11.00 -28.37 -15.01
N VAL A 460 11.83 -28.59 -13.99
CA VAL A 460 13.17 -27.95 -13.97
C VAL A 460 13.99 -28.30 -15.25
N ASP A 461 14.05 -29.59 -15.60
CA ASP A 461 14.73 -30.03 -16.84
C ASP A 461 14.25 -29.28 -18.07
N GLU A 462 12.94 -29.12 -18.17
CA GLU A 462 12.32 -28.43 -19.30
C GLU A 462 12.77 -26.95 -19.35
N ILE A 463 12.72 -26.31 -18.18
CA ILE A 463 13.14 -24.92 -18.06
C ILE A 463 14.63 -24.73 -18.42
N VAL A 464 15.46 -25.60 -17.89
CA VAL A 464 16.91 -25.53 -18.17
C VAL A 464 17.19 -25.73 -19.67
N ASP A 465 16.57 -26.75 -20.28
CA ASP A 465 16.70 -26.99 -21.73
C ASP A 465 16.29 -25.79 -22.59
N ILE A 466 15.18 -25.15 -22.24
CA ILE A 466 14.75 -23.98 -22.99
C ILE A 466 15.76 -22.84 -22.83
N ALA A 467 16.25 -22.67 -21.61
CA ALA A 467 17.23 -21.62 -21.36
C ALA A 467 18.53 -21.86 -22.13
N LYS A 468 18.97 -23.10 -22.18
CA LYS A 468 20.15 -23.52 -22.90
C LYS A 468 20.04 -23.15 -24.38
N GLN A 469 18.92 -23.50 -25.00
CA GLN A 469 18.66 -23.10 -26.41
C GLN A 469 18.69 -21.60 -26.60
N ALA A 470 18.09 -20.86 -25.66
CA ALA A 470 18.05 -19.41 -25.73
C ALA A 470 19.44 -18.79 -25.60
N VAL A 471 20.19 -19.25 -24.62
CA VAL A 471 21.54 -18.72 -24.38
C VAL A 471 22.45 -19.02 -25.56
N ASP A 472 22.33 -20.24 -26.13
CA ASP A 472 23.07 -20.58 -27.34
C ASP A 472 22.72 -19.69 -28.50
N ALA A 473 21.43 -19.46 -28.72
CA ALA A 473 20.97 -18.65 -29.84
C ALA A 473 21.56 -17.24 -29.78
N VAL A 474 21.48 -16.61 -28.61
CA VAL A 474 22.02 -15.26 -28.45
C VAL A 474 23.53 -15.24 -28.54
N ALA A 475 24.19 -16.26 -28.00
CA ALA A 475 25.66 -16.35 -28.06
C ALA A 475 26.15 -16.40 -29.49
N ASP A 476 25.43 -17.14 -30.36
CA ASP A 476 25.73 -17.23 -31.79
C ASP A 476 25.59 -15.93 -32.48
N GLU A 477 24.56 -15.18 -32.11
CA GLU A 477 24.33 -13.87 -32.67
C GLU A 477 25.44 -12.87 -32.32
N LEU A 478 26.07 -13.05 -31.16
CA LEU A 478 27.15 -12.19 -30.70
C LEU A 478 28.46 -12.90 -31.01
N SER B 19 -22.13 -19.46 9.32
CA SER B 19 -21.60 -20.83 9.02
C SER B 19 -21.04 -21.57 10.27
N HIS B 20 -20.36 -20.85 11.14
CA HIS B 20 -19.78 -21.45 12.37
C HIS B 20 -19.80 -20.37 13.47
N MET B 21 -20.20 -20.71 14.70
CA MET B 21 -20.00 -19.78 15.84
C MET B 21 -18.49 -19.52 16.09
N THR B 22 -18.22 -18.50 16.88
CA THR B 22 -16.88 -18.07 17.20
C THR B 22 -16.60 -18.20 18.71
N ASP B 23 -15.47 -18.81 19.11
CA ASP B 23 -15.07 -18.82 20.50
C ASP B 23 -14.37 -17.48 20.83
N THR B 24 -15.19 -16.52 21.22
CA THR B 24 -14.74 -15.15 21.40
C THR B 24 -13.58 -14.98 22.38
N ASP B 25 -13.68 -15.61 23.56
CA ASP B 25 -12.64 -15.49 24.60
C ASP B 25 -11.31 -16.01 24.10
N ASP B 26 -11.31 -17.15 23.42
CA ASP B 26 -10.06 -17.71 22.93
C ASP B 26 -9.43 -16.85 21.80
N LEU B 27 -10.26 -16.38 20.88
CA LEU B 27 -9.77 -15.50 19.79
C LEU B 27 -9.26 -14.19 20.39
N LEU B 28 -9.98 -13.59 21.33
CA LEU B 28 -9.51 -12.34 21.94
C LEU B 28 -8.14 -12.52 22.57
N GLU B 29 -7.95 -13.70 23.16
CA GLU B 29 -6.65 -14.01 23.74
C GLU B 29 -5.55 -14.08 22.69
N MET B 30 -5.79 -14.81 21.61
CA MET B 30 -4.79 -14.91 20.54
C MET B 30 -4.51 -13.53 19.92
N ASP B 31 -5.56 -12.72 19.81
CA ASP B 31 -5.46 -11.36 19.31
C ASP B 31 -4.47 -10.54 20.13
N ARG B 32 -4.75 -10.40 21.41
CA ARG B 32 -3.85 -9.70 22.36
C ARG B 32 -2.38 -10.19 22.29
N ALA B 33 -2.17 -11.50 22.12
CA ALA B 33 -0.82 -12.05 22.15
C ALA B 33 -0.02 -11.85 20.84
N HIS B 34 -0.71 -11.67 19.71
CA HIS B 34 0.01 -11.71 18.42
C HIS B 34 -0.34 -10.63 17.34
N PHE B 35 -1.41 -9.86 17.54
CA PHE B 35 -1.90 -8.99 16.48
C PHE B 35 -1.64 -7.53 16.87
N PHE B 36 -0.81 -6.85 16.07
CA PHE B 36 -0.53 -5.42 16.19
C PHE B 36 -1.58 -4.68 15.34
N HIS B 37 -2.58 -4.11 16.00
CA HIS B 37 -3.64 -3.33 15.32
C HIS B 37 -3.16 -1.96 14.85
N PRO B 38 -3.73 -1.48 13.76
CA PRO B 38 -3.60 -0.06 13.48
C PRO B 38 -4.30 0.79 14.55
N SER B 39 -3.74 1.96 14.83
CA SER B 39 -4.44 2.99 15.57
C SER B 39 -5.07 2.47 16.87
N THR B 40 -4.24 1.85 17.69
CA THR B 40 -4.66 1.20 18.90
C THR B 40 -3.63 1.50 20.01
N HIS B 41 -4.12 1.60 21.25
CA HIS B 41 -3.25 1.69 22.44
C HIS B 41 -2.57 0.36 22.64
N LEU B 42 -1.29 0.26 22.27
CA LEU B 42 -0.68 -1.06 22.12
C LEU B 42 -0.55 -1.80 23.44
N ARG B 43 -0.17 -1.09 24.52
CA ARG B 43 0.01 -1.74 25.84
C ARG B 43 -1.33 -2.18 26.39
N ASP B 44 -2.31 -1.28 26.37
CA ASP B 44 -3.63 -1.56 26.93
C ASP B 44 -4.41 -2.57 26.16
N HIS B 45 -4.13 -2.65 24.84
CA HIS B 45 -4.77 -3.73 24.08
C HIS B 45 -4.18 -5.06 24.52
N ALA B 46 -2.86 -5.14 24.52
CA ALA B 46 -2.15 -6.39 24.79
C ALA B 46 -2.45 -6.94 26.19
N SER B 47 -2.59 -6.05 27.15
CA SER B 47 -2.78 -6.43 28.54
C SER B 47 -4.25 -6.83 28.80
N GLY B 48 -5.15 -6.42 27.91
CA GLY B 48 -6.55 -6.71 28.10
C GLY B 48 -7.28 -5.60 28.80
N GLU B 49 -6.61 -4.46 29.05
CA GLU B 49 -7.28 -3.37 29.72
C GLU B 49 -8.31 -2.69 28.77
N LEU B 50 -8.03 -2.60 27.47
CA LEU B 50 -9.04 -2.15 26.47
C LEU B 50 -9.54 -3.38 25.73
N PRO B 51 -10.77 -3.82 26.04
CA PRO B 51 -11.20 -5.06 25.43
C PRO B 51 -11.36 -4.90 23.93
N GLY B 52 -11.14 -5.98 23.20
CA GLY B 52 -11.26 -5.98 21.77
C GLY B 52 -12.70 -6.25 21.37
N ARG B 53 -12.95 -6.12 20.07
CA ARG B 53 -14.23 -6.48 19.49
C ARG B 53 -13.96 -7.17 18.14
N ILE B 54 -14.55 -8.34 18.00
CA ILE B 54 -14.48 -9.10 16.78
C ILE B 54 -15.77 -8.96 15.97
N ILE B 55 -15.64 -8.43 14.77
CA ILE B 55 -16.77 -8.29 13.86
C ILE B 55 -16.78 -9.53 12.96
N THR B 56 -17.94 -10.18 12.87
CA THR B 56 -18.11 -11.48 12.20
C THR B 56 -19.04 -11.45 11.00
N GLY B 57 -19.93 -10.46 10.93
CA GLY B 57 -20.91 -10.44 9.87
C GLY B 57 -21.53 -9.10 9.60
N GLY B 58 -22.31 -9.02 8.55
CA GLY B 58 -22.98 -7.78 8.24
C GLY B 58 -23.90 -7.83 7.06
N LYS B 59 -24.91 -6.98 7.07
CA LYS B 59 -25.89 -6.94 5.98
C LYS B 59 -26.45 -5.54 5.89
N GLY B 60 -26.40 -4.93 4.71
CA GLY B 60 -26.98 -3.59 4.53
C GLY B 60 -26.18 -2.58 5.35
N ILE B 61 -26.80 -1.90 6.31
CA ILE B 61 -26.07 -0.95 7.14
C ILE B 61 -25.74 -1.50 8.52
N ARG B 62 -26.04 -2.77 8.75
CA ARG B 62 -25.82 -3.37 10.08
C ARG B 62 -24.66 -4.35 10.09
N ILE B 63 -23.87 -4.31 11.16
CA ILE B 63 -22.87 -5.32 11.42
C ILE B 63 -23.16 -6.07 12.69
N GLN B 64 -22.45 -7.18 12.86
CA GLN B 64 -22.62 -8.05 13.97
C GLN B 64 -21.27 -8.46 14.57
N ASP B 65 -21.14 -8.40 15.90
CA ASP B 65 -19.94 -8.96 16.57
C ASP B 65 -20.06 -10.47 16.88
N SER B 66 -18.96 -11.04 17.34
CA SER B 66 -18.85 -12.47 17.62
C SER B 66 -19.77 -12.96 18.75
N GLU B 67 -20.25 -12.05 19.59
CA GLU B 67 -21.23 -12.40 20.61
C GLU B 67 -22.65 -12.29 20.09
N GLY B 68 -22.83 -11.91 18.81
CA GLY B 68 -24.16 -11.82 18.22
C GLY B 68 -24.82 -10.46 18.32
N ARG B 69 -24.17 -9.51 18.98
CA ARG B 69 -24.66 -8.14 19.07
C ARG B 69 -24.70 -7.48 17.68
N GLU B 70 -25.74 -6.73 17.40
CA GLU B 70 -25.94 -6.06 16.16
C GLU B 70 -25.79 -4.54 16.35
N TYR B 71 -25.27 -3.87 15.32
CA TYR B 71 -24.99 -2.44 15.36
C TYR B 71 -25.36 -1.81 14.04
N ILE B 72 -25.96 -0.64 14.07
CA ILE B 72 -26.11 0.19 12.87
C ILE B 72 -24.76 0.90 12.63
N ASP B 73 -24.15 0.67 11.48
CA ASP B 73 -22.82 1.29 11.21
C ASP B 73 -22.98 2.58 10.42
N ALA B 74 -23.08 3.67 11.14
CA ALA B 74 -23.30 4.96 10.48
C ALA B 74 -21.98 5.57 10.01
N PHE B 75 -20.89 4.82 10.11
CA PHE B 75 -19.59 5.23 9.55
C PHE B 75 -19.09 4.37 8.37
N ALA B 76 -19.91 3.41 7.95
CA ALA B 76 -19.59 2.53 6.80
C ALA B 76 -18.18 1.96 6.88
N GLY B 77 -17.85 1.41 8.04
CA GLY B 77 -16.51 0.99 8.33
C GLY B 77 -15.67 2.21 8.60
N LEU B 78 -14.89 2.59 7.61
CA LEU B 78 -14.22 3.90 7.58
C LEU B 78 -14.54 4.61 6.26
N TYR B 79 -15.70 5.27 6.21
CA TYR B 79 -16.19 5.92 4.96
C TYR B 79 -16.04 5.04 3.71
N CYS B 80 -16.19 3.73 3.83
CA CYS B 80 -15.81 2.89 2.74
C CYS B 80 -16.78 1.80 2.27
N VAL B 81 -17.66 1.31 3.14
CA VAL B 81 -18.59 0.23 2.76
C VAL B 81 -19.84 0.79 2.11
N ASN B 82 -19.61 1.42 0.98
CA ASN B 82 -20.59 2.34 0.39
C ASN B 82 -21.85 1.65 -0.18
N VAL B 83 -21.70 0.44 -0.73
CA VAL B 83 -22.89 -0.34 -1.19
C VAL B 83 -23.57 -1.13 -0.07
N GLY B 84 -23.03 -1.01 1.16
CA GLY B 84 -23.49 -1.77 2.31
C GLY B 84 -22.82 -3.13 2.40
N TYR B 85 -23.11 -3.82 3.50
CA TYR B 85 -22.45 -5.07 3.83
C TYR B 85 -23.18 -6.26 3.24
N GLY B 86 -22.44 -7.38 3.03
CA GLY B 86 -23.06 -8.64 2.63
C GLY B 86 -23.58 -8.71 1.21
N ARG B 87 -22.94 -8.00 0.29
CA ARG B 87 -23.23 -8.12 -1.12
C ARG B 87 -22.68 -9.43 -1.71
N THR B 88 -23.55 -10.44 -1.79
CA THR B 88 -23.11 -11.70 -2.39
C THR B 88 -22.77 -11.54 -3.88
N GLU B 89 -23.38 -10.56 -4.56
CA GLU B 89 -23.04 -10.24 -5.93
C GLU B 89 -21.54 -9.93 -6.07
N ILE B 90 -20.99 -9.19 -5.11
CA ILE B 90 -19.54 -8.85 -5.12
C ILE B 90 -18.72 -10.07 -4.73
N ALA B 91 -19.17 -10.81 -3.73
CA ALA B 91 -18.46 -12.04 -3.36
C ALA B 91 -18.40 -13.00 -4.56
N ASP B 92 -19.49 -13.10 -5.30
CA ASP B 92 -19.54 -13.97 -6.53
C ASP B 92 -18.54 -13.52 -7.60
N ALA B 93 -18.44 -12.22 -7.81
CA ALA B 93 -17.54 -11.68 -8.81
C ALA B 93 -16.03 -11.89 -8.43
N ILE B 94 -15.70 -11.66 -7.17
CA ILE B 94 -14.38 -11.99 -6.62
C ILE B 94 -14.08 -13.47 -6.83
N TYR B 95 -15.05 -14.32 -6.50
CA TYR B 95 -14.89 -15.77 -6.62
C TYR B 95 -14.63 -16.20 -8.06
N GLU B 96 -15.41 -15.69 -9.01
CA GLU B 96 -15.21 -16.05 -10.43
C GLU B 96 -13.81 -15.60 -10.90
N GLN B 97 -13.37 -14.39 -10.57
CA GLN B 97 -12.04 -13.99 -10.98
C GLN B 97 -10.95 -14.83 -10.27
N ALA B 98 -11.13 -15.09 -8.99
CA ALA B 98 -10.14 -15.85 -8.23
C ALA B 98 -9.93 -17.26 -8.76
N LYS B 99 -11.02 -17.86 -9.26
CA LYS B 99 -10.96 -19.19 -9.92
C LYS B 99 -10.29 -19.15 -11.27
N GLU B 100 -10.60 -18.13 -12.06
CA GLU B 100 -10.07 -17.97 -13.41
C GLU B 100 -8.57 -17.55 -13.43
N LEU B 101 -8.24 -16.45 -12.75
CA LEU B 101 -6.88 -15.98 -12.58
C LEU B 101 -6.82 -15.03 -11.41
N ALA B 102 -6.34 -15.55 -10.26
CA ALA B 102 -6.24 -14.73 -9.09
C ALA B 102 -5.26 -13.57 -9.30
N TYR B 103 -4.14 -13.86 -9.94
CA TYR B 103 -3.11 -12.84 -10.15
C TYR B 103 -2.19 -13.09 -11.34
N TYR B 104 -1.86 -12.00 -12.01
CA TYR B 104 -0.63 -11.89 -12.77
C TYR B 104 -0.18 -10.42 -12.63
N HIS B 105 1.08 -10.13 -12.88
CA HIS B 105 1.51 -8.73 -12.81
C HIS B 105 1.02 -7.93 -14.03
N THR B 106 1.07 -6.60 -13.92
CA THR B 106 0.75 -5.72 -15.04
C THR B 106 1.98 -4.94 -15.54
N TYR B 107 3.16 -5.39 -15.16
CA TYR B 107 4.42 -4.80 -15.57
C TYR B 107 4.68 -4.99 -17.05
N VAL B 108 5.47 -4.09 -17.62
CA VAL B 108 5.83 -4.14 -19.06
C VAL B 108 4.63 -4.46 -19.95
N GLY B 109 3.57 -3.69 -19.84
CA GLY B 109 2.43 -3.82 -20.73
C GLY B 109 1.57 -5.08 -20.53
N HIS B 110 1.85 -5.89 -19.52
CA HIS B 110 0.97 -7.02 -19.25
C HIS B 110 -0.31 -6.57 -18.59
N SER B 111 -1.36 -7.35 -18.71
CA SER B 111 -2.66 -6.90 -18.26
C SER B 111 -3.60 -8.05 -17.97
N ASN B 112 -4.81 -7.70 -17.56
CA ASN B 112 -5.87 -8.67 -17.33
C ASN B 112 -7.16 -8.00 -17.73
N GLU B 113 -8.19 -8.80 -17.98
CA GLU B 113 -9.44 -8.26 -18.51
C GLU B 113 -10.12 -7.28 -17.53
N PRO B 114 -10.28 -7.64 -16.25
CA PRO B 114 -11.00 -6.69 -15.35
C PRO B 114 -10.30 -5.34 -15.15
N ILE B 115 -8.98 -5.29 -15.13
CA ILE B 115 -8.33 -3.99 -14.91
C ILE B 115 -8.49 -3.06 -16.13
N ILE B 116 -8.52 -3.65 -17.31
CA ILE B 116 -8.74 -2.89 -18.56
C ILE B 116 -10.16 -2.32 -18.58
N GLU B 117 -11.16 -3.18 -18.36
CA GLU B 117 -12.52 -2.78 -18.24
C GLU B 117 -12.70 -1.69 -17.17
N LEU B 118 -12.09 -1.85 -16.00
CA LEU B 118 -12.25 -0.84 -14.93
C LEU B 118 -11.64 0.52 -15.31
N SER B 119 -10.48 0.48 -15.94
CA SER B 119 -9.82 1.69 -16.34
C SER B 119 -10.68 2.47 -17.31
N GLU B 120 -11.23 1.78 -18.30
CA GLU B 120 -12.12 2.43 -19.26
C GLU B 120 -13.35 3.01 -18.58
N ARG B 121 -13.93 2.28 -17.62
CA ARG B 121 -15.13 2.76 -16.94
C ARG B 121 -14.88 3.97 -16.04
N ILE B 122 -13.78 3.93 -15.30
CA ILE B 122 -13.42 5.09 -14.50
C ILE B 122 -13.27 6.32 -15.38
N ILE B 123 -12.48 6.22 -16.46
CA ILE B 123 -12.23 7.39 -17.29
C ILE B 123 -13.50 7.85 -18.05
N ARG B 124 -14.16 6.95 -18.77
CA ARG B 124 -15.31 7.33 -19.59
C ARG B 124 -16.56 7.68 -18.84
N GLU B 125 -16.81 7.04 -17.71
CA GLU B 125 -18.10 7.19 -17.02
C GLU B 125 -18.07 7.85 -15.67
N TRP B 126 -16.94 7.91 -14.98
CA TRP B 126 -16.93 8.38 -13.60
C TRP B 126 -16.10 9.63 -13.36
N ALA B 127 -14.87 9.67 -13.87
CA ALA B 127 -13.94 10.74 -13.58
C ALA B 127 -14.33 12.03 -14.25
N PRO B 128 -13.95 13.18 -13.68
CA PRO B 128 -14.20 14.46 -14.39
C PRO B 128 -13.60 14.49 -15.78
N ALA B 129 -14.17 15.31 -16.66
CA ALA B 129 -13.60 15.52 -18.00
C ALA B 129 -12.10 15.90 -17.96
N GLY B 130 -11.40 15.54 -19.02
CA GLY B 130 -9.95 15.75 -19.14
C GLY B 130 -9.02 14.78 -18.41
N MET B 131 -9.58 13.69 -17.90
CA MET B 131 -8.77 12.64 -17.26
C MET B 131 -8.41 11.64 -18.32
N SER B 132 -7.25 11.03 -18.16
CA SER B 132 -6.62 10.26 -19.21
C SER B 132 -6.33 8.80 -18.84
N LYS B 133 -5.71 8.57 -17.70
CA LYS B 133 -5.21 7.21 -17.36
C LYS B 133 -5.39 6.92 -15.89
N VAL B 134 -5.44 5.62 -15.56
CA VAL B 134 -5.51 5.18 -14.17
C VAL B 134 -4.33 4.28 -13.79
N TYR B 135 -3.65 4.62 -12.67
CA TYR B 135 -2.56 3.77 -12.12
C TYR B 135 -3.05 3.20 -10.79
N TYR B 136 -2.79 1.93 -10.54
CA TYR B 136 -3.40 1.21 -9.39
C TYR B 136 -2.45 0.77 -8.29
N GLY B 137 -2.95 0.88 -7.07
CA GLY B 137 -2.31 0.36 -5.87
C GLY B 137 -3.35 -0.30 -5.02
N MET B 138 -3.15 -0.31 -3.71
CA MET B 138 -4.05 -0.96 -2.75
C MET B 138 -4.60 -0.07 -1.63
N SER B 139 -4.00 1.09 -1.43
CA SER B 139 -4.40 1.99 -0.36
C SER B 139 -4.38 3.47 -0.83
N GLY B 140 -5.21 4.28 -0.17
CA GLY B 140 -5.14 5.73 -0.34
C GLY B 140 -3.74 6.27 -0.10
N SER B 141 -3.07 5.66 0.88
CA SER B 141 -1.70 6.06 1.19
C SER B 141 -0.72 5.77 0.08
N ASP B 142 -0.78 4.58 -0.50
CA ASP B 142 0.14 4.28 -1.61
C ASP B 142 -0.23 5.09 -2.86
N ALA B 143 -1.51 5.43 -3.02
CA ALA B 143 -1.89 6.26 -4.16
C ALA B 143 -1.36 7.68 -4.03
N ASN B 144 -1.42 8.29 -2.83
CA ASN B 144 -0.82 9.61 -2.63
C ASN B 144 0.69 9.61 -2.68
N GLU B 145 1.29 8.48 -2.35
CA GLU B 145 2.72 8.31 -2.51
C GLU B 145 3.10 8.35 -3.98
N THR B 146 2.34 7.65 -4.79
CA THR B 146 2.47 7.72 -6.23
C THR B 146 2.31 9.19 -6.73
N GLN B 147 1.31 9.90 -6.23
CA GLN B 147 1.10 11.31 -6.62
C GLN B 147 2.36 12.14 -6.44
N ILE B 148 2.99 12.03 -5.29
CA ILE B 148 4.18 12.83 -5.01
C ILE B 148 5.30 12.47 -5.96
N LYS B 149 5.51 11.18 -6.17
CA LYS B 149 6.49 10.71 -7.17
C LYS B 149 6.21 11.29 -8.55
N LEU B 150 4.95 11.23 -8.97
CA LEU B 150 4.58 11.75 -10.28
C LEU B 150 4.80 13.26 -10.42
N VAL B 151 4.52 14.00 -9.37
CA VAL B 151 4.68 15.45 -9.37
C VAL B 151 6.16 15.84 -9.49
N TRP B 152 7.03 15.13 -8.76
CA TRP B 152 8.46 15.38 -8.88
C TRP B 152 9.01 14.99 -10.22
N TYR B 153 8.57 13.84 -10.74
CA TYR B 153 8.98 13.36 -12.03
C TYR B 153 8.56 14.39 -13.10
N TYR B 154 7.31 14.80 -13.07
CA TYR B 154 6.76 15.82 -13.97
C TYR B 154 7.64 17.06 -14.02
N ASN B 155 8.04 17.56 -12.86
CA ASN B 155 8.90 18.75 -12.85
C ASN B 155 10.33 18.47 -13.34
N ASN B 156 10.86 17.29 -13.04
CA ASN B 156 12.15 16.88 -13.59
C ASN B 156 12.11 16.70 -15.11
N VAL B 157 11.04 16.17 -15.65
CA VAL B 157 10.89 16.05 -17.12
C VAL B 157 10.90 17.42 -17.77
N LEU B 158 10.24 18.39 -17.13
CA LEU B 158 10.19 19.76 -17.62
C LEU B 158 11.46 20.59 -17.34
N GLY B 159 12.46 20.04 -16.68
CA GLY B 159 13.68 20.80 -16.40
C GLY B 159 13.51 21.84 -15.29
N ARG B 160 12.69 21.55 -14.28
CA ARG B 160 12.44 22.44 -13.17
C ARG B 160 12.76 21.71 -11.86
N PRO B 161 14.06 21.45 -11.62
CA PRO B 161 14.43 20.63 -10.45
C PRO B 161 14.05 21.22 -9.08
N GLN B 162 13.87 22.55 -9.01
CA GLN B 162 13.55 23.20 -7.75
C GLN B 162 12.04 23.17 -7.42
N LYS B 163 11.20 22.87 -8.40
CA LYS B 163 9.76 23.02 -8.26
C LYS B 163 9.17 21.72 -7.70
N LYS B 164 9.23 21.57 -6.38
CA LYS B 164 8.99 20.29 -5.74
C LYS B 164 8.13 20.35 -4.47
N LYS B 165 7.93 21.55 -3.91
CA LYS B 165 7.21 21.65 -2.67
C LYS B 165 5.75 21.31 -2.90
N ILE B 166 5.15 20.65 -1.92
CA ILE B 166 3.74 20.26 -1.96
C ILE B 166 3.06 20.96 -0.80
N ILE B 167 2.01 21.71 -1.09
CA ILE B 167 1.27 22.39 -0.07
C ILE B 167 0.02 21.58 0.25
N SER B 168 -0.13 21.21 1.50
CA SER B 168 -1.30 20.51 2.02
C SER B 168 -2.00 21.51 2.94
N ARG B 169 -2.90 21.03 3.81
CA ARG B 169 -3.67 21.89 4.69
C ARG B 169 -3.73 21.33 6.10
N GLN B 170 -3.83 22.26 7.05
CA GLN B 170 -4.07 21.91 8.41
C GLN B 170 -5.38 21.13 8.50
N ARG B 171 -5.34 20.04 9.25
CA ARG B 171 -6.44 19.09 9.41
C ARG B 171 -6.76 18.19 8.20
N GLY B 172 -5.98 18.31 7.14
CA GLY B 172 -6.14 17.41 6.00
C GLY B 172 -5.66 16.01 6.33
N TYR B 173 -6.25 15.03 5.64
CA TYR B 173 -5.86 13.65 5.83
C TYR B 173 -5.57 13.01 4.47
N HIS B 174 -4.37 12.50 4.33
CA HIS B 174 -3.88 11.98 3.08
C HIS B 174 -3.13 10.68 3.21
N GLY B 175 -3.21 10.04 4.39
CA GLY B 175 -2.48 8.80 4.63
C GLY B 175 -1.61 8.80 5.85
N SER B 176 -1.02 7.62 6.08
CA SER B 176 -0.35 7.30 7.34
C SER B 176 1.11 6.83 7.15
N GLY B 177 1.71 7.14 6.02
CA GLY B 177 3.09 6.84 5.78
C GLY B 177 4.01 7.96 6.17
N ILE B 178 5.22 7.95 5.63
CA ILE B 178 6.19 8.99 5.95
C ILE B 178 5.90 10.26 5.17
N MET B 179 5.92 10.18 3.84
CA MET B 179 5.55 11.34 3.01
C MET B 179 4.07 11.63 3.05
N THR B 180 3.24 10.58 3.09
CA THR B 180 1.77 10.79 3.15
C THR B 180 1.30 11.29 4.50
N GLY B 181 1.92 10.81 5.58
CA GLY B 181 1.71 11.36 6.90
C GLY B 181 2.20 12.79 7.02
N SER B 182 3.27 13.12 6.32
CA SER B 182 3.68 14.50 6.22
C SER B 182 2.61 15.41 5.58
N LEU B 183 2.01 14.94 4.48
CA LEU B 183 0.84 15.61 3.84
C LEU B 183 -0.31 15.80 4.80
N THR B 184 -0.61 14.73 5.53
CA THR B 184 -1.64 14.76 6.53
C THR B 184 -1.33 15.93 7.49
N GLY B 185 -2.38 16.62 7.91
CA GLY B 185 -2.26 17.82 8.76
C GLY B 185 -2.79 17.65 10.16
N LEU B 186 -2.70 16.43 10.69
CA LEU B 186 -3.15 16.10 12.03
C LEU B 186 -1.97 15.55 12.86
N PRO B 187 -1.81 16.04 14.10
CA PRO B 187 -0.57 15.77 14.85
C PRO B 187 -0.31 14.32 15.24
N ALA B 188 -1.36 13.52 15.38
CA ALA B 188 -1.19 12.11 15.70
C ALA B 188 -0.31 11.39 14.67
N PHE B 189 -0.35 11.85 13.42
CA PHE B 189 0.45 11.17 12.37
C PHE B 189 1.84 11.76 12.22
N HIS B 190 2.17 12.76 13.06
CA HIS B 190 3.47 13.45 13.04
C HIS B 190 4.32 13.18 14.27
N ASN B 191 3.68 13.30 15.43
CA ASN B 191 4.38 13.28 16.70
C ASN B 191 5.07 11.93 16.92
N HIS B 192 6.36 12.01 17.27
CA HIS B 192 7.22 10.89 17.56
C HIS B 192 7.58 10.10 16.30
N PHE B 193 7.23 10.61 15.11
CA PHE B 193 7.67 10.04 13.82
C PHE B 193 8.55 10.98 13.01
N ASP B 194 8.90 12.15 13.59
CA ASP B 194 9.77 13.16 12.95
C ASP B 194 9.18 13.79 11.70
N LEU B 195 7.87 13.89 11.63
CA LEU B 195 7.18 14.44 10.44
C LEU B 195 6.56 15.76 10.81
N PRO B 196 6.17 16.60 9.84
CA PRO B 196 6.34 16.36 8.42
C PRO B 196 7.75 16.65 7.90
N LEU B 197 8.14 15.95 6.85
CA LEU B 197 9.45 16.19 6.23
C LEU B 197 9.41 17.32 5.25
N GLU B 198 10.57 17.80 4.89
CA GLU B 198 10.70 18.62 3.66
C GLU B 198 10.23 17.76 2.46
N PRO B 199 9.58 18.31 1.43
CA PRO B 199 9.32 19.72 1.24
C PRO B 199 7.81 20.02 1.36
N ILE B 200 7.19 19.62 2.46
CA ILE B 200 5.76 19.72 2.62
C ILE B 200 5.43 20.94 3.46
N ARG B 201 4.37 21.63 3.08
CA ARG B 201 3.90 22.80 3.83
C ARG B 201 2.42 22.61 4.10
N HIS B 202 1.90 23.34 5.07
CA HIS B 202 0.48 23.24 5.40
C HIS B 202 -0.10 24.61 5.45
N THR B 203 -1.12 24.87 4.62
CA THR B 203 -1.76 26.17 4.65
C THR B 203 -3.05 26.09 5.47
N THR B 204 -3.86 27.14 5.39
CA THR B 204 -5.00 27.34 6.26
C THR B 204 -6.05 26.21 6.25
N CYS B 205 -6.52 25.84 7.43
CA CYS B 205 -7.65 24.90 7.53
C CYS B 205 -8.94 25.51 7.00
N PRO B 206 -9.52 24.92 5.94
CA PRO B 206 -10.73 25.52 5.40
C PRO B 206 -12.02 25.15 6.19
N HIS B 207 -12.06 25.64 7.43
CA HIS B 207 -13.12 25.30 8.42
C HIS B 207 -13.72 26.62 8.92
N TYR B 208 -14.83 27.00 8.29
CA TYR B 208 -15.47 28.26 8.51
C TYR B 208 -15.89 28.47 9.95
N TYR B 209 -16.33 27.43 10.63
CA TYR B 209 -16.70 27.57 12.04
C TYR B 209 -15.57 28.16 12.90
N ARG B 210 -14.34 27.88 12.54
CA ARG B 210 -13.17 28.41 13.22
C ARG B 210 -12.53 29.52 12.40
N ALA B 211 -13.28 30.14 11.51
CA ALA B 211 -12.73 31.20 10.68
C ALA B 211 -12.51 32.40 11.58
N PRO B 212 -11.66 33.36 11.16
CA PRO B 212 -11.63 34.64 11.87
C PRO B 212 -13.05 35.17 12.11
N ALA B 213 -13.29 35.71 13.30
CA ALA B 213 -14.63 36.19 13.64
C ALA B 213 -15.12 37.27 12.67
N GLY B 214 -16.41 37.22 12.36
CA GLY B 214 -17.05 38.27 11.58
C GLY B 214 -16.82 38.24 10.10
N MET B 215 -16.06 37.28 9.59
CA MET B 215 -15.92 37.08 8.14
C MET B 215 -17.12 36.28 7.67
N SER B 216 -17.69 36.69 6.55
CA SER B 216 -18.65 35.86 5.87
C SER B 216 -17.89 34.64 5.28
N GLU B 217 -18.66 33.73 4.75
CA GLU B 217 -18.15 32.52 4.19
C GLU B 217 -17.26 32.80 2.96
N ALA B 218 -17.76 33.66 2.06
CA ALA B 218 -17.02 34.04 0.86
C ALA B 218 -15.77 34.87 1.19
N GLU B 219 -15.87 35.74 2.19
CA GLU B 219 -14.69 36.49 2.67
C GLU B 219 -13.60 35.53 3.21
N PHE B 220 -14.02 34.54 3.99
CA PHE B 220 -13.08 33.52 4.51
C PHE B 220 -12.44 32.72 3.39
N SER B 221 -13.20 32.41 2.35
CA SER B 221 -12.64 31.79 1.16
C SER B 221 -11.57 32.65 0.53
N ARG B 222 -11.80 33.96 0.49
CA ARG B 222 -10.82 34.89 -0.04
C ARG B 222 -9.61 35.02 0.90
N HIS B 223 -9.87 35.01 2.21
CA HIS B 223 -8.76 34.96 3.18
C HIS B 223 -7.87 33.69 2.98
N CYS B 224 -8.49 32.53 2.78
CA CYS B 224 -7.71 31.31 2.54
C CYS B 224 -6.89 31.43 1.27
N ALA B 225 -7.50 31.92 0.20
CA ALA B 225 -6.78 32.18 -1.05
C ALA B 225 -5.57 33.11 -0.84
N ASP B 226 -5.74 34.17 -0.07
CA ASP B 226 -4.66 35.13 0.17
C ASP B 226 -3.55 34.56 1.03
N GLU B 227 -3.91 33.79 2.04
CA GLU B 227 -2.90 33.05 2.82
C GLU B 227 -2.05 32.11 1.95
N LEU B 228 -2.71 31.41 1.02
CA LEU B 228 -2.02 30.49 0.12
C LEU B 228 -1.06 31.30 -0.76
N GLU B 229 -1.54 32.42 -1.30
CA GLU B 229 -0.70 33.25 -2.16
C GLU B 229 0.53 33.73 -1.40
N LYS B 230 0.30 34.22 -0.18
CA LYS B 230 1.39 34.66 0.67
C LYS B 230 2.44 33.56 0.88
N MET B 231 1.97 32.35 1.18
CA MET B 231 2.86 31.20 1.33
C MET B 231 3.66 30.96 0.06
N ILE B 232 2.99 30.98 -1.11
CA ILE B 232 3.64 30.76 -2.38
C ILE B 232 4.75 31.77 -2.68
N LEU B 233 4.48 33.04 -2.40
CA LEU B 233 5.46 34.10 -2.58
C LEU B 233 6.61 33.97 -1.59
N ALA B 234 6.33 33.60 -0.35
CA ALA B 234 7.40 33.42 0.65
C ALA B 234 8.28 32.23 0.28
N GLU B 235 7.68 31.19 -0.32
CA GLU B 235 8.45 30.01 -0.70
C GLU B 235 9.19 30.24 -2.01
N GLY B 236 8.60 31.08 -2.87
CA GLY B 236 9.10 31.26 -4.24
C GLY B 236 8.26 30.33 -5.09
N PRO B 237 7.39 30.89 -5.95
CA PRO B 237 6.49 30.07 -6.80
C PRO B 237 7.20 29.04 -7.65
N ASP B 238 8.39 29.35 -8.11
CA ASP B 238 9.19 28.38 -8.86
C ASP B 238 9.65 27.18 -8.05
N THR B 239 9.47 27.19 -6.72
CA THR B 239 9.75 26.03 -5.89
C THR B 239 8.51 25.23 -5.48
N VAL B 240 7.31 25.67 -5.89
CA VAL B 240 6.06 25.04 -5.41
C VAL B 240 5.46 24.23 -6.54
N ALA B 241 5.37 22.91 -6.36
CA ALA B 241 4.91 21.99 -7.41
C ALA B 241 3.44 21.74 -7.40
N ALA B 242 2.85 21.53 -6.24
CA ALA B 242 1.48 21.05 -6.17
C ALA B 242 0.79 21.42 -4.90
N PHE B 243 -0.54 21.37 -4.95
CA PHE B 243 -1.42 21.63 -3.83
C PHE B 243 -2.34 20.40 -3.71
N ILE B 244 -2.45 19.85 -2.53
CA ILE B 244 -3.31 18.68 -2.35
C ILE B 244 -4.45 19.00 -1.39
N GLY B 245 -5.67 18.61 -1.75
CA GLY B 245 -6.79 18.81 -0.86
C GLY B 245 -7.90 17.86 -1.13
N GLU B 246 -8.55 17.43 -0.05
CA GLU B 246 -9.81 16.73 -0.12
C GLU B 246 -10.88 17.74 -0.49
N PRO B 247 -11.81 17.40 -1.41
CA PRO B 247 -12.89 18.38 -1.67
C PRO B 247 -13.64 18.77 -0.42
N VAL B 248 -14.00 17.76 0.38
CA VAL B 248 -14.54 17.91 1.74
C VAL B 248 -13.60 17.15 2.66
N MET B 249 -13.19 17.76 3.78
CA MET B 249 -12.26 17.07 4.71
C MET B 249 -13.00 15.97 5.44
N GLY B 250 -12.40 14.77 5.49
CA GLY B 250 -12.99 13.62 6.16
C GLY B 250 -12.51 13.51 7.59
N THR B 251 -11.38 12.84 7.76
CA THR B 251 -10.85 12.57 9.08
C THR B 251 -10.54 13.81 9.94
N GLY B 252 -10.29 14.94 9.28
CA GLY B 252 -10.12 16.22 9.94
C GLY B 252 -11.41 16.87 10.46
N GLY B 253 -12.55 16.19 10.32
CA GLY B 253 -13.79 16.55 11.03
C GLY B 253 -15.07 16.72 10.22
N ILE B 254 -15.14 16.11 9.02
CA ILE B 254 -16.27 16.21 8.12
C ILE B 254 -16.56 17.70 7.87
N VAL B 255 -15.70 18.35 7.09
CA VAL B 255 -15.69 19.79 6.91
C VAL B 255 -15.85 20.15 5.42
N PRO B 256 -17.10 20.45 5.02
CA PRO B 256 -17.30 20.99 3.71
C PRO B 256 -16.57 22.32 3.62
N PRO B 257 -16.09 22.67 2.41
CA PRO B 257 -15.37 23.92 2.23
C PRO B 257 -16.33 25.12 2.30
N PRO B 258 -15.80 26.32 2.60
CA PRO B 258 -16.70 27.48 2.55
C PRO B 258 -17.13 27.79 1.14
N GLU B 259 -18.30 28.40 0.98
CA GLU B 259 -18.79 28.92 -0.29
C GLU B 259 -17.72 29.70 -1.03
N GLY B 260 -17.49 29.36 -2.30
CA GLY B 260 -16.46 30.02 -3.13
C GLY B 260 -15.04 29.55 -2.98
N TYR B 261 -14.78 28.64 -2.04
CA TYR B 261 -13.40 28.24 -1.73
C TYR B 261 -12.63 27.72 -2.92
N TRP B 262 -13.18 26.71 -3.55
CA TRP B 262 -12.46 26.04 -4.65
C TRP B 262 -12.17 26.90 -5.87
N GLU B 263 -13.07 27.82 -6.19
CA GLU B 263 -12.83 28.77 -7.27
C GLU B 263 -11.69 29.69 -6.86
N ALA B 264 -11.69 30.17 -5.62
CA ALA B 264 -10.67 31.12 -5.22
C ALA B 264 -9.30 30.47 -5.15
N ILE B 265 -9.25 29.26 -4.63
CA ILE B 265 -7.99 28.49 -4.59
C ILE B 265 -7.46 28.22 -6.00
N GLN B 266 -8.34 27.72 -6.89
CA GLN B 266 -7.87 27.34 -8.25
C GLN B 266 -7.25 28.51 -9.03
N ALA B 267 -7.81 29.72 -8.85
CA ALA B 267 -7.28 30.90 -9.53
C ALA B 267 -5.85 31.15 -9.06
N VAL B 268 -5.58 30.97 -7.75
CA VAL B 268 -4.22 31.15 -7.24
C VAL B 268 -3.26 30.09 -7.81
N LEU B 269 -3.71 28.84 -7.83
CA LEU B 269 -2.87 27.75 -8.36
C LEU B 269 -2.55 27.94 -9.84
N ASN B 270 -3.52 28.41 -10.61
CA ASN B 270 -3.30 28.65 -12.03
C ASN B 270 -2.36 29.79 -12.28
N LYS B 271 -2.50 30.86 -11.48
CA LYS B 271 -1.62 32.03 -11.62
C LYS B 271 -0.17 31.63 -11.45
N TYR B 272 0.11 30.67 -10.54
CA TYR B 272 1.49 30.28 -10.27
C TYR B 272 1.90 28.95 -10.83
N ASP B 273 1.13 28.39 -11.76
CA ASP B 273 1.48 27.11 -12.43
C ASP B 273 1.75 25.99 -11.42
N ILE B 274 0.80 25.80 -10.51
CA ILE B 274 0.87 24.80 -9.45
C ILE B 274 -0.18 23.73 -9.71
N LEU B 275 0.21 22.45 -9.67
CA LEU B 275 -0.73 21.37 -9.98
C LEU B 275 -1.73 21.21 -8.83
N LEU B 276 -2.95 20.84 -9.15
CA LEU B 276 -3.95 20.50 -8.13
C LEU B 276 -4.15 18.97 -8.05
N ILE B 277 -3.86 18.39 -6.89
CA ILE B 277 -4.24 17.02 -6.58
C ILE B 277 -5.54 17.00 -5.77
N ALA B 278 -6.59 16.39 -6.32
CA ALA B 278 -7.84 16.18 -5.52
C ALA B 278 -7.78 14.83 -4.85
N ASP B 279 -7.73 14.84 -3.51
CA ASP B 279 -7.78 13.60 -2.77
C ASP B 279 -9.25 13.20 -2.57
N GLU B 280 -9.70 12.28 -3.41
CA GLU B 280 -11.08 11.82 -3.44
C GLU B 280 -11.25 10.43 -2.79
N VAL B 281 -10.38 10.12 -1.83
CA VAL B 281 -10.44 8.83 -1.21
C VAL B 281 -11.80 8.66 -0.53
N VAL B 282 -12.32 9.71 0.09
CA VAL B 282 -13.63 9.63 0.73
C VAL B 282 -14.76 10.03 -0.23
N CYS B 283 -14.60 11.16 -0.92
CA CYS B 283 -15.65 11.74 -1.76
C CYS B 283 -15.85 10.97 -3.10
N GLY B 284 -14.88 10.15 -3.49
CA GLY B 284 -14.98 9.44 -4.74
C GLY B 284 -16.11 8.42 -4.76
N PHE B 285 -16.80 8.37 -5.89
CA PHE B 285 -17.84 7.39 -6.18
C PHE B 285 -19.11 7.52 -5.39
N GLY B 286 -19.60 8.76 -5.28
CA GLY B 286 -21.01 9.04 -4.97
C GLY B 286 -21.34 9.72 -3.65
N ARG B 287 -20.40 9.75 -2.70
CA ARG B 287 -20.77 10.12 -1.33
C ARG B 287 -21.36 11.55 -1.17
N THR B 288 -20.88 12.52 -1.95
CA THR B 288 -21.41 13.87 -1.83
C THR B 288 -22.71 14.10 -2.58
N GLY B 289 -23.16 13.09 -3.35
CA GLY B 289 -24.34 13.24 -4.18
C GLY B 289 -23.95 13.59 -5.60
N SER B 290 -22.65 13.75 -5.86
CA SER B 290 -22.09 13.77 -7.18
C SER B 290 -21.14 12.58 -7.34
N MET B 291 -20.75 12.33 -8.58
CA MET B 291 -19.84 11.23 -8.89
C MET B 291 -18.55 11.36 -8.09
N PHE B 292 -17.96 12.54 -8.06
CA PHE B 292 -16.76 12.84 -7.24
C PHE B 292 -17.01 14.17 -6.54
N GLY B 293 -16.27 14.43 -5.45
CA GLY B 293 -16.27 15.75 -4.81
C GLY B 293 -15.86 16.88 -5.75
N SER B 294 -14.96 16.57 -6.69
CA SER B 294 -14.54 17.49 -7.71
C SER B 294 -15.72 17.98 -8.57
N HIS B 295 -16.60 17.04 -8.95
CA HIS B 295 -17.80 17.38 -9.73
C HIS B 295 -18.64 18.31 -8.88
N HIS B 296 -18.83 17.94 -7.62
CA HIS B 296 -19.73 18.65 -6.74
C HIS B 296 -19.33 20.11 -6.51
N TYR B 297 -18.03 20.38 -6.39
CA TYR B 297 -17.55 21.76 -6.10
C TYR B 297 -16.98 22.48 -7.30
N GLY B 298 -17.08 21.87 -8.48
CA GLY B 298 -16.49 22.47 -9.69
C GLY B 298 -14.97 22.56 -9.63
N MET B 299 -14.30 21.59 -9.03
CA MET B 299 -12.86 21.56 -9.06
C MET B 299 -12.35 21.00 -10.38
N LYS B 300 -11.16 21.43 -10.80
CA LYS B 300 -10.54 20.93 -12.01
C LYS B 300 -9.14 20.41 -11.69
N PRO B 301 -9.06 19.24 -11.08
CA PRO B 301 -7.75 18.74 -10.69
C PRO B 301 -6.95 18.22 -11.85
N ASP B 302 -5.64 18.24 -11.65
CA ASP B 302 -4.69 17.67 -12.57
C ASP B 302 -4.47 16.19 -12.29
N LEU B 303 -4.68 15.80 -11.03
CA LEU B 303 -4.41 14.47 -10.53
C LEU B 303 -5.47 14.13 -9.48
N ILE B 304 -5.91 12.89 -9.46
CA ILE B 304 -6.96 12.49 -8.50
C ILE B 304 -6.61 11.19 -7.78
N THR B 305 -6.76 11.18 -6.47
CA THR B 305 -6.56 9.96 -5.67
C THR B 305 -7.88 9.33 -5.34
N VAL B 306 -8.02 8.02 -5.55
CA VAL B 306 -9.22 7.28 -5.12
C VAL B 306 -8.85 6.01 -4.37
N ALA B 307 -9.78 5.56 -3.50
CA ALA B 307 -9.73 4.22 -2.88
C ALA B 307 -11.12 3.97 -2.25
N LYS B 308 -11.18 3.37 -1.06
CA LYS B 308 -12.42 3.19 -0.29
C LYS B 308 -13.65 2.79 -1.16
N GLY B 309 -14.46 3.77 -1.50
CA GLY B 309 -15.67 3.54 -2.31
C GLY B 309 -15.48 3.03 -3.71
N LEU B 310 -14.24 3.02 -4.18
CA LEU B 310 -13.89 2.34 -5.44
C LEU B 310 -14.25 0.87 -5.45
N THR B 311 -14.11 0.19 -4.30
CA THR B 311 -14.51 -1.20 -4.15
C THR B 311 -15.55 -1.41 -3.03
N SER B 312 -16.00 -0.34 -2.40
CA SER B 312 -16.75 -0.42 -1.14
C SER B 312 -16.02 -1.29 -0.09
N ALA B 313 -14.72 -1.29 -0.17
CA ALA B 313 -13.83 -2.03 0.69
C ALA B 313 -13.90 -3.56 0.55
N TYR B 314 -14.63 -4.06 -0.43
CA TYR B 314 -14.71 -5.50 -0.63
C TYR B 314 -13.39 -6.10 -0.99
N ALA B 315 -12.52 -5.32 -1.65
CA ALA B 315 -11.14 -5.75 -1.83
C ALA B 315 -10.27 -4.50 -1.85
N PRO B 316 -9.01 -4.62 -1.41
CA PRO B 316 -8.20 -3.39 -1.38
C PRO B 316 -7.79 -2.93 -2.77
N LEU B 317 -8.05 -1.68 -3.10
CA LEU B 317 -7.68 -1.11 -4.38
C LEU B 317 -7.62 0.40 -4.22
N SER B 318 -6.63 1.01 -4.85
CA SER B 318 -6.51 2.44 -4.95
C SER B 318 -6.21 2.82 -6.40
N GLY B 319 -6.48 4.07 -6.72
CA GLY B 319 -6.23 4.64 -8.03
C GLY B 319 -5.69 6.05 -8.00
N VAL B 320 -4.78 6.30 -8.95
CA VAL B 320 -4.29 7.65 -9.30
C VAL B 320 -4.81 7.91 -10.73
N ILE B 321 -5.70 8.87 -10.85
CA ILE B 321 -6.28 9.25 -12.13
C ILE B 321 -5.48 10.46 -12.61
N VAL B 322 -4.89 10.32 -13.78
CA VAL B 322 -3.93 11.29 -14.32
C VAL B 322 -4.59 12.07 -15.43
N GLY B 323 -4.65 13.39 -15.27
CA GLY B 323 -5.18 14.30 -16.25
C GLY B 323 -4.32 14.38 -17.50
N GLU B 324 -4.88 14.96 -18.57
CA GLU B 324 -4.20 14.99 -19.87
C GLU B 324 -2.91 15.80 -19.80
N LYS B 325 -2.93 16.88 -19.00
CA LYS B 325 -1.74 17.72 -18.92
C LYS B 325 -0.54 16.99 -18.30
N VAL B 326 -0.75 16.28 -17.19
CA VAL B 326 0.34 15.54 -16.59
C VAL B 326 0.69 14.35 -17.50
N TRP B 327 -0.33 13.69 -18.06
CA TRP B 327 -0.06 12.51 -18.88
C TRP B 327 0.89 12.80 -20.06
N LYS B 328 0.65 13.91 -20.74
CA LYS B 328 1.50 14.34 -21.87
C LYS B 328 2.97 14.46 -21.46
N VAL B 329 3.21 15.01 -20.28
CA VAL B 329 4.57 15.13 -19.78
C VAL B 329 5.13 13.78 -19.36
N LEU B 330 4.31 12.90 -18.83
CA LEU B 330 4.79 11.55 -18.52
C LEU B 330 5.24 10.83 -19.79
N GLU B 331 4.49 10.96 -20.89
CA GLU B 331 4.90 10.35 -22.16
C GLU B 331 6.19 10.94 -22.69
N GLN B 332 6.31 12.26 -22.60
CA GLN B 332 7.54 12.98 -22.93
C GLN B 332 8.71 12.45 -22.09
N GLY B 333 8.45 12.19 -20.82
CA GLY B 333 9.42 11.64 -19.93
C GLY B 333 9.93 10.29 -20.36
N SER B 334 9.03 9.43 -20.84
CA SER B 334 9.45 8.10 -21.31
C SER B 334 10.38 8.24 -22.51
N ASP B 335 10.06 9.17 -23.41
CA ASP B 335 10.99 9.49 -24.52
C ASP B 335 12.39 9.81 -24.06
N GLN B 336 12.48 10.66 -23.06
CA GLN B 336 13.74 11.10 -22.49
C GLN B 336 14.44 10.06 -21.61
N TYR B 337 13.67 9.35 -20.79
CA TYR B 337 14.23 8.53 -19.71
C TYR B 337 13.95 7.04 -19.72
N GLY B 338 13.10 6.55 -20.61
CA GLY B 338 12.79 5.12 -20.67
C GLY B 338 11.61 4.73 -19.81
N PRO B 339 11.44 3.42 -19.57
CA PRO B 339 10.27 2.95 -18.80
C PRO B 339 10.19 3.64 -17.45
N ILE B 340 9.00 4.05 -17.00
CA ILE B 340 8.90 4.70 -15.67
C ILE B 340 9.29 3.74 -14.52
N GLY B 341 10.19 4.18 -13.66
CA GLY B 341 10.68 3.37 -12.54
C GLY B 341 9.70 3.41 -11.37
N HIS B 342 8.53 2.81 -11.55
CA HIS B 342 7.52 2.78 -10.53
C HIS B 342 6.61 1.57 -10.74
N GLY B 343 6.39 0.83 -9.68
CA GLY B 343 5.48 -0.29 -9.69
C GLY B 343 5.32 -0.95 -8.34
N TRP B 344 4.12 -1.46 -8.08
CA TRP B 344 3.85 -2.32 -6.95
C TRP B 344 3.55 -3.71 -7.54
N THR B 345 4.03 -4.76 -6.87
CA THR B 345 3.76 -6.13 -7.28
C THR B 345 2.28 -6.37 -7.56
N TYR B 346 1.43 -5.84 -6.69
CA TYR B 346 -0.02 -6.06 -6.86
C TYR B 346 -0.78 -4.98 -7.62
N SER B 347 -0.06 -4.08 -8.31
CA SER B 347 -0.68 -3.09 -9.16
C SER B 347 -1.54 -3.76 -10.22
N GLY B 348 -2.84 -3.43 -10.19
CA GLY B 348 -3.82 -3.91 -11.15
C GLY B 348 -4.33 -5.31 -10.83
N HIS B 349 -4.27 -5.70 -9.55
CA HIS B 349 -4.62 -7.04 -9.09
C HIS B 349 -6.00 -7.48 -9.60
N PRO B 350 -6.07 -8.58 -10.36
CA PRO B 350 -7.32 -9.06 -11.00
C PRO B 350 -8.57 -9.16 -10.13
N ILE B 351 -8.43 -9.74 -8.95
CA ILE B 351 -9.54 -9.95 -8.05
C ILE B 351 -10.04 -8.61 -7.49
N CYS B 352 -9.10 -7.69 -7.24
CA CYS B 352 -9.45 -6.38 -6.69
C CYS B 352 -10.15 -5.55 -7.73
N ALA B 353 -9.67 -5.64 -8.97
CA ALA B 353 -10.36 -5.07 -10.12
C ALA B 353 -11.77 -5.65 -10.34
N ALA B 354 -11.92 -6.95 -10.19
CA ALA B 354 -13.26 -7.61 -10.34
C ALA B 354 -14.20 -7.13 -9.26
N ALA B 355 -13.69 -6.92 -8.05
CA ALA B 355 -14.52 -6.42 -6.96
C ALA B 355 -14.99 -4.99 -7.30
N ALA B 356 -14.07 -4.16 -7.82
CA ALA B 356 -14.42 -2.82 -8.22
C ALA B 356 -15.51 -2.79 -9.27
N LEU B 357 -15.41 -3.67 -10.26
CA LEU B 357 -16.42 -3.68 -11.34
C LEU B 357 -17.79 -4.03 -10.82
N ALA B 358 -17.88 -5.03 -9.96
CA ALA B 358 -19.20 -5.37 -9.40
C ALA B 358 -19.74 -4.22 -8.52
N ASN B 359 -18.84 -3.60 -7.76
CA ASN B 359 -19.19 -2.49 -6.91
C ASN B 359 -19.79 -1.34 -7.77
N LEU B 360 -19.08 -0.95 -8.82
CA LEU B 360 -19.55 0.10 -9.72
C LEU B 360 -20.88 -0.27 -10.40
N ASP B 361 -21.06 -1.56 -10.79
CA ASP B 361 -22.36 -2.04 -11.34
C ASP B 361 -23.50 -1.74 -10.39
N ILE B 362 -23.28 -2.02 -9.11
CA ILE B 362 -24.31 -1.80 -8.08
C ILE B 362 -24.60 -0.31 -7.90
N ILE B 363 -23.53 0.48 -7.81
CA ILE B 363 -23.67 1.92 -7.62
C ILE B 363 -24.47 2.53 -8.77
N GLU B 364 -24.21 2.06 -9.97
CA GLU B 364 -24.88 2.61 -11.15
C GLU B 364 -26.32 2.10 -11.21
N ARG B 365 -26.50 0.79 -11.05
CA ARG B 365 -27.83 0.18 -11.14
C ARG B 365 -28.83 0.70 -10.10
N GLU B 366 -28.40 0.87 -8.85
CA GLU B 366 -29.25 1.33 -7.80
C GLU B 366 -29.20 2.86 -7.66
N ASN B 367 -28.45 3.54 -8.51
CA ASN B 367 -28.31 4.99 -8.48
C ASN B 367 -28.00 5.50 -7.06
N LEU B 368 -26.94 4.98 -6.48
CA LEU B 368 -26.55 5.37 -5.13
C LEU B 368 -25.99 6.79 -5.04
N THR B 369 -25.44 7.31 -6.14
CA THR B 369 -25.11 8.72 -6.23
C THR B 369 -26.36 9.59 -6.00
N GLY B 370 -27.43 9.26 -6.70
CA GLY B 370 -28.73 9.98 -6.53
C GLY B 370 -29.32 9.77 -5.14
N ASN B 371 -29.19 8.55 -4.60
CA ASN B 371 -29.61 8.33 -3.21
C ASN B 371 -28.81 9.18 -2.22
N ALA B 372 -27.51 9.26 -2.45
CA ALA B 372 -26.67 10.10 -1.65
C ALA B 372 -27.10 11.56 -1.71
N ALA B 373 -27.51 12.05 -2.87
CA ALA B 373 -28.05 13.41 -2.97
C ALA B 373 -29.40 13.54 -2.23
N ASP B 374 -30.33 12.64 -2.53
N ASP B 374 -30.32 12.61 -2.50
CA ASP B 374 -31.71 12.70 -1.96
CA ASP B 374 -31.69 12.67 -1.96
C ASP B 374 -31.79 12.42 -0.45
C ASP B 374 -31.80 12.41 -0.46
N THR B 375 -31.39 11.22 -0.04
CA THR B 375 -31.40 10.85 1.34
C THR B 375 -30.36 11.69 2.11
N GLY B 376 -29.29 12.06 1.43
CA GLY B 376 -28.31 12.98 2.01
C GLY B 376 -28.87 14.34 2.39
N ALA B 377 -29.61 14.97 1.47
CA ALA B 377 -30.26 16.24 1.77
C ALA B 377 -31.21 16.06 2.96
N TYR B 378 -31.96 14.97 2.95
CA TYR B 378 -32.85 14.67 4.06
C TYR B 378 -32.08 14.53 5.37
N PHE B 379 -30.97 13.81 5.31
CA PHE B 379 -30.09 13.67 6.46
C PHE B 379 -29.64 15.02 7.05
N GLN B 380 -29.13 15.90 6.17
CA GLN B 380 -28.62 17.19 6.58
C GLN B 380 -29.75 18.03 7.21
N GLN B 381 -30.91 18.00 6.58
CA GLN B 381 -32.06 18.75 7.10
C GLN B 381 -32.50 18.20 8.49
N ARG B 382 -32.58 16.88 8.59
CA ARG B 382 -32.96 16.29 9.87
C ARG B 382 -31.96 16.60 11.00
N MET B 383 -30.68 16.66 10.64
CA MET B 383 -29.63 16.97 11.61
C MET B 383 -29.72 18.42 12.09
N ARG B 384 -30.00 19.33 11.17
CA ARG B 384 -30.22 20.74 11.49
C ARG B 384 -31.40 20.91 12.43
N GLU B 385 -32.53 20.29 12.09
CA GLU B 385 -33.76 20.41 12.88
C GLU B 385 -33.52 19.95 14.29
N THR B 386 -32.85 18.81 14.41
CA THR B 386 -32.68 18.13 15.67
C THR B 386 -31.60 18.79 16.56
N PHE B 387 -30.55 19.31 15.95
CA PHE B 387 -29.36 19.74 16.69
C PHE B 387 -28.97 21.21 16.51
N GLY B 388 -29.58 21.92 15.57
CA GLY B 388 -29.21 23.31 15.28
C GLY B 388 -29.44 24.26 16.46
N ASP B 389 -30.35 23.92 17.38
CA ASP B 389 -30.52 24.68 18.63
C ASP B 389 -30.11 23.94 19.87
N HIS B 390 -29.38 22.85 19.73
CA HIS B 390 -28.98 22.06 20.90
C HIS B 390 -27.86 22.80 21.65
N PRO B 391 -27.98 22.98 22.97
CA PRO B 391 -27.01 23.76 23.76
C PRO B 391 -25.57 23.24 23.74
N LEU B 392 -25.39 21.93 23.55
CA LEU B 392 -24.09 21.29 23.45
C LEU B 392 -23.42 21.39 22.08
N VAL B 393 -24.20 21.70 21.06
CA VAL B 393 -23.73 21.60 19.66
C VAL B 393 -23.44 22.98 19.13
N GLY B 394 -22.17 23.23 18.88
CA GLY B 394 -21.72 24.46 18.22
C GLY B 394 -22.03 24.52 16.75
N GLU B 395 -21.87 23.39 16.04
CA GLU B 395 -22.14 23.44 14.62
C GLU B 395 -22.68 22.09 14.15
N VAL B 396 -23.62 22.19 13.21
CA VAL B 396 -24.08 21.04 12.47
C VAL B 396 -23.59 21.30 11.07
N ARG B 397 -22.92 20.33 10.45
CA ARG B 397 -22.40 20.54 9.09
C ARG B 397 -22.40 19.20 8.32
N GLY B 398 -22.37 19.30 7.01
CA GLY B 398 -22.25 18.14 6.14
C GLY B 398 -22.73 18.43 4.75
N VAL B 399 -22.59 17.42 3.90
CA VAL B 399 -23.03 17.46 2.52
C VAL B 399 -23.24 16.02 2.09
N GLY B 400 -24.25 15.78 1.27
CA GLY B 400 -24.56 14.42 0.86
C GLY B 400 -24.68 13.48 2.04
N LEU B 401 -23.98 12.34 1.99
CA LEU B 401 -24.04 11.41 3.10
C LEU B 401 -22.78 11.46 4.01
N MET B 402 -22.31 12.66 4.28
CA MET B 402 -21.41 12.85 5.39
C MET B 402 -21.84 14.05 6.23
N ALA B 403 -21.73 13.93 7.54
CA ALA B 403 -22.24 14.96 8.46
C ALA B 403 -21.51 14.86 9.77
N ALA B 404 -21.47 15.98 10.49
CA ALA B 404 -20.86 16.00 11.81
C ALA B 404 -21.61 16.96 12.73
N LEU B 405 -21.48 16.70 14.03
CA LEU B 405 -21.87 17.62 15.10
C LEU B 405 -20.58 17.99 15.82
N GLU B 406 -20.32 19.29 15.97
CA GLU B 406 -19.19 19.73 16.77
C GLU B 406 -19.74 20.30 18.06
N PHE B 407 -19.19 19.83 19.19
CA PHE B 407 -19.63 20.19 20.53
C PHE B 407 -18.74 21.27 21.11
N VAL B 408 -19.37 22.21 21.79
CA VAL B 408 -18.66 23.33 22.40
C VAL B 408 -19.19 23.63 23.79
N ALA B 409 -18.31 24.19 24.61
CA ALA B 409 -18.65 24.52 26.00
C ALA B 409 -19.45 25.82 26.06
N ASP B 410 -19.27 26.71 25.10
CA ASP B 410 -19.98 28.00 25.02
C ASP B 410 -20.28 28.27 23.55
N LYS B 411 -21.55 28.17 23.19
CA LYS B 411 -21.97 28.42 21.81
C LYS B 411 -21.72 29.83 21.34
N ASP B 412 -21.79 30.81 22.24
CA ASP B 412 -21.58 32.21 21.82
C ASP B 412 -20.15 32.49 21.41
N LYS B 413 -19.19 31.95 22.15
CA LYS B 413 -17.78 32.21 21.87
C LYS B 413 -17.05 31.06 21.19
N ARG B 414 -17.78 29.98 20.92
CA ARG B 414 -17.27 28.79 20.23
C ARG B 414 -16.19 28.06 21.01
N THR B 415 -16.14 28.32 22.31
CA THR B 415 -15.12 27.80 23.20
C THR B 415 -15.09 26.28 23.26
N ARG B 416 -13.89 25.74 23.19
CA ARG B 416 -13.69 24.32 23.14
C ARG B 416 -13.76 23.77 24.58
N PHE B 417 -14.19 22.52 24.73
CA PHE B 417 -14.09 21.86 26.02
C PHE B 417 -12.64 21.57 26.31
N ASP B 418 -12.32 21.49 27.60
CA ASP B 418 -11.06 20.88 28.05
C ASP B 418 -11.01 19.49 27.39
N PRO B 419 -9.89 19.17 26.72
CA PRO B 419 -9.85 17.87 26.03
C PRO B 419 -9.97 16.66 26.95
N SER B 420 -9.61 16.85 28.22
CA SER B 420 -9.66 15.76 29.18
C SER B 420 -11.09 15.35 29.52
N LEU B 421 -12.08 16.20 29.27
CA LEU B 421 -13.47 15.80 29.46
C LEU B 421 -13.96 14.77 28.43
N LYS B 422 -13.24 14.63 27.32
CA LYS B 422 -13.53 13.60 26.31
C LYS B 422 -14.98 13.65 25.82
N VAL B 423 -15.46 14.84 25.50
CA VAL B 423 -16.88 15.03 25.19
C VAL B 423 -17.26 14.27 23.91
N GLY B 424 -16.47 14.40 22.88
CA GLY B 424 -16.70 13.66 21.62
C GLY B 424 -16.71 12.16 21.83
N PRO B 425 -15.63 11.60 22.39
CA PRO B 425 -15.61 10.15 22.70
C PRO B 425 -16.81 9.67 23.54
N ARG B 426 -17.26 10.49 24.48
CA ARG B 426 -18.41 10.13 25.31
C ARG B 426 -19.74 10.07 24.55
N VAL B 427 -19.96 11.01 23.65
CA VAL B 427 -21.18 10.98 22.85
C VAL B 427 -21.15 9.73 21.95
N SER B 428 -20.00 9.48 21.32
CA SER B 428 -19.80 8.27 20.51
C SER B 428 -20.08 6.98 21.32
N ALA B 429 -19.56 6.91 22.56
CA ALA B 429 -19.76 5.76 23.43
C ALA B 429 -21.23 5.59 23.83
N ALA B 430 -21.93 6.70 24.07
CA ALA B 430 -23.36 6.63 24.34
C ALA B 430 -24.13 6.13 23.10
N CYS B 431 -23.71 6.51 21.90
CA CYS B 431 -24.34 6.00 20.69
C CYS B 431 -24.18 4.50 20.59
N LEU B 432 -22.98 4.02 20.87
CA LEU B 432 -22.67 2.62 20.77
C LEU B 432 -23.47 1.79 21.78
N GLU B 433 -23.67 2.31 23.00
CA GLU B 433 -24.56 1.67 23.98
C GLU B 433 -25.94 1.45 23.40
N ASP B 434 -26.38 2.39 22.56
CA ASP B 434 -27.68 2.31 21.90
C ASP B 434 -27.63 1.65 20.53
N GLY B 435 -26.57 0.87 20.26
CA GLY B 435 -26.53 0.09 19.04
C GLY B 435 -26.14 0.82 17.76
N MET B 436 -25.52 1.99 17.87
CA MET B 436 -25.11 2.73 16.67
C MET B 436 -23.64 3.13 16.72
N ILE B 437 -22.97 2.94 15.58
CA ILE B 437 -21.57 3.35 15.41
C ILE B 437 -21.50 4.71 14.70
N ALA B 438 -21.03 5.73 15.42
CA ALA B 438 -20.66 7.04 14.84
C ALA B 438 -19.32 7.47 15.49
N ARG B 439 -18.41 8.02 14.70
CA ARG B 439 -17.02 8.19 15.15
C ARG B 439 -16.78 9.49 15.93
N ALA B 440 -16.07 9.37 17.03
CA ALA B 440 -15.53 10.53 17.70
C ALA B 440 -14.33 10.94 16.88
N MET B 441 -14.45 12.02 16.14
CA MET B 441 -13.40 12.42 15.21
C MET B 441 -12.14 12.88 15.97
N PRO B 442 -10.97 12.66 15.38
CA PRO B 442 -9.73 13.02 16.14
C PRO B 442 -9.46 14.52 16.33
N HIS B 443 -8.72 14.84 17.38
N HIS B 443 -8.73 14.87 17.39
CA HIS B 443 -8.27 16.20 17.67
CA HIS B 443 -8.24 16.25 17.63
C HIS B 443 -9.42 17.22 17.68
C HIS B 443 -9.42 17.27 17.68
N GLY B 444 -10.43 16.94 18.49
CA GLY B 444 -11.57 17.81 18.67
C GLY B 444 -12.69 17.07 19.39
N ASP B 445 -13.79 17.76 19.63
CA ASP B 445 -15.01 17.10 20.10
C ASP B 445 -16.08 17.11 19.00
N ILE B 446 -16.02 16.09 18.16
CA ILE B 446 -16.81 16.02 16.93
C ILE B 446 -17.39 14.62 16.75
N LEU B 447 -18.71 14.54 16.48
CA LEU B 447 -19.32 13.27 16.16
C LEU B 447 -19.57 13.26 14.66
N GLY B 448 -18.90 12.33 13.97
CA GLY B 448 -19.02 12.14 12.53
C GLY B 448 -19.89 10.98 12.09
N PHE B 449 -20.52 11.16 10.92
CA PHE B 449 -21.36 10.19 10.29
C PHE B 449 -20.96 10.07 8.84
N ALA B 450 -20.82 8.83 8.38
CA ALA B 450 -20.59 8.55 6.97
C ALA B 450 -21.22 7.21 6.63
N PRO B 451 -22.56 7.17 6.57
CA PRO B 451 -23.22 5.87 6.43
C PRO B 451 -23.10 5.30 5.03
N PRO B 452 -23.33 3.99 4.86
CA PRO B 452 -23.42 3.44 3.51
C PRO B 452 -24.41 4.23 2.64
N LEU B 453 -24.07 4.32 1.36
CA LEU B 453 -24.83 5.05 0.38
C LEU B 453 -26.22 4.45 0.07
N VAL B 454 -26.50 3.22 0.50
CA VAL B 454 -27.81 2.58 0.42
C VAL B 454 -28.79 2.98 1.52
N ILE B 455 -28.33 3.81 2.46
CA ILE B 455 -29.16 4.14 3.60
C ILE B 455 -30.50 4.77 3.19
N THR B 456 -31.59 4.37 3.84
CA THR B 456 -32.91 4.94 3.59
C THR B 456 -33.21 6.12 4.51
N ARG B 457 -34.22 6.91 4.15
CA ARG B 457 -34.69 7.97 5.06
C ARG B 457 -35.10 7.43 6.43
N ALA B 458 -35.75 6.26 6.41
CA ALA B 458 -36.16 5.60 7.63
C ALA B 458 -34.97 5.30 8.53
N GLU B 459 -33.90 4.81 7.91
CA GLU B 459 -32.68 4.53 8.66
C GLU B 459 -32.02 5.82 9.12
N VAL B 460 -32.08 6.88 8.32
CA VAL B 460 -31.61 8.21 8.79
C VAL B 460 -32.36 8.63 10.08
N ASP B 461 -33.69 8.52 10.09
CA ASP B 461 -34.49 8.85 11.31
C ASP B 461 -34.01 8.09 12.53
N GLU B 462 -33.74 6.81 12.33
CA GLU B 462 -33.26 5.95 13.42
C GLU B 462 -31.92 6.44 13.96
N ILE B 463 -31.00 6.71 13.03
CA ILE B 463 -29.67 7.24 13.39
C ILE B 463 -29.75 8.56 14.12
N VAL B 464 -30.55 9.49 13.60
CA VAL B 464 -30.72 10.81 14.22
C VAL B 464 -31.29 10.67 15.62
N ASP B 465 -32.34 9.86 15.79
CA ASP B 465 -32.94 9.59 17.11
C ASP B 465 -31.95 9.05 18.14
N ILE B 466 -31.12 8.09 17.72
CA ILE B 466 -30.12 7.56 18.63
C ILE B 466 -29.11 8.63 19.01
N ALA B 467 -28.69 9.43 18.03
CA ALA B 467 -27.73 10.49 18.29
C ALA B 467 -28.29 11.53 19.26
N LYS B 468 -29.56 11.88 19.07
CA LYS B 468 -30.28 12.83 19.90
C LYS B 468 -30.24 12.38 21.36
N GLN B 469 -30.61 11.12 21.59
CA GLN B 469 -30.57 10.55 22.96
C GLN B 469 -29.18 10.58 23.54
N ALA B 470 -28.17 10.27 22.73
CA ALA B 470 -26.78 10.26 23.19
C ALA B 470 -26.31 11.67 23.55
N VAL B 471 -26.57 12.63 22.68
CA VAL B 471 -26.14 14.00 22.91
C VAL B 471 -26.83 14.60 24.13
N ASP B 472 -28.13 14.29 24.29
CA ASP B 472 -28.85 14.71 25.51
C ASP B 472 -28.25 14.13 26.76
N ALA B 473 -27.96 12.83 26.73
CA ALA B 473 -27.41 12.15 27.90
C ALA B 473 -26.08 12.78 28.34
N VAL B 474 -25.18 12.99 27.39
CA VAL B 474 -23.88 13.58 27.74
C VAL B 474 -24.04 15.05 28.17
N ALA B 475 -24.96 15.79 27.56
CA ALA B 475 -25.20 17.18 27.95
C ALA B 475 -25.67 17.29 29.40
N ASP B 476 -26.53 16.35 29.84
CA ASP B 476 -27.00 16.27 31.23
C ASP B 476 -25.86 16.00 32.19
N GLU B 477 -24.96 15.13 31.78
CA GLU B 477 -23.78 14.84 32.57
C GLU B 477 -22.85 16.03 32.75
N LEU B 478 -22.88 16.99 31.83
CA LEU B 478 -22.10 18.23 32.00
C LEU B 478 -23.04 19.36 32.38
N1 PLP C . 10.96 -5.98 -0.89
C2 PLP C . 11.41 -7.04 -1.61
C2A PLP C . 12.61 -7.80 -1.12
C3 PLP C . 10.69 -7.50 -2.83
O3 PLP C . 11.12 -8.53 -3.57
C4 PLP C . 9.48 -6.75 -3.27
C4A PLP C . 8.75 -7.21 -4.48
C5 PLP C . 9.12 -5.59 -2.39
C6 PLP C . 9.88 -5.28 -1.26
C5A PLP C . 7.95 -4.69 -2.69
O4P PLP C . 6.70 -5.33 -2.56
P PLP C . 5.47 -4.61 -3.34
O1P PLP C . 5.87 -4.61 -4.76
O2P PLP C . 5.45 -3.21 -2.83
O3P PLP C . 4.33 -5.53 -2.86
N1 PLP D . -6.82 10.23 1.94
C2 PLP D . -8.03 10.40 2.51
C2A PLP D . -8.87 11.62 2.23
C3 PLP D . -8.60 9.33 3.37
O3 PLP D . -9.87 9.47 3.91
C4 PLP D . -7.80 8.11 3.63
C4A PLP D . -8.45 6.98 4.46
C5 PLP D . -6.44 8.09 2.97
C6 PLP D . -6.02 9.16 2.17
C5A PLP D . -5.54 6.89 3.17
O4P PLP D . -6.16 5.69 2.73
P PLP D . -5.64 4.24 3.33
O1P PLP D . -6.32 3.31 2.34
O2P PLP D . -4.18 4.29 3.20
O3P PLP D . -6.11 4.22 4.75
#